data_2ACV
#
_entry.id   2ACV
#
_cell.length_a   53.713
_cell.length_b   90.593
_cell.length_c   101.788
_cell.angle_alpha   90
_cell.angle_beta   102.567
_cell.angle_gamma   90
#
_symmetry.space_group_name_H-M   'P 1 21 1'
#
loop_
_entity.id
_entity.type
_entity.pdbx_description
1 polymer 'triterpene UDP-glucosyl transferase UGT71G1'
2 non-polymer "URIDINE-5'-DIPHOSPHATE"
3 water water
#
_entity_poly.entity_id   1
_entity_poly.type   'polypeptide(L)'
_entity_poly.pdbx_seq_one_letter_code
;MSMSDINKNSELIFIPAPGIGHLASALEFAKLLTNHDKNLYITVFCIKFPGMPFADSYIKSVLASQPQIQLIDLPEVEPP
PQELLKSPEFYILTFLESLIPHVKATIKTILSNKVVGLVLDFFCVSMIDVGNEFGIPSYLFLTSNVGFLSLMLSLKNRQI
EEVFDDSDRDHQLLNIPGISNQVPSNVLPDACFNKDGGYIAYYKLAERFRDTKGIIVNTFSDLEQSSIDALYDHDEKIPP
IYAVGPLLDLKGQPNPKLDQAQHDLILKWLDEQPDKSVVFLCFGSMGVSFGPSQIREIALGLKHSGVRFLWSNSAEKKVF
PEGFLEWMELEGKGMICGWAPQVEVLAHKAIGGFVSHCGWNSILESMWFGVPILTWPIYAEQQLNAFRLVKEWGVGLGLR
VDYRKGSDVVAAEEIEKGLKDLMDKDSIVHKKVQEMKEMSRNAVVDGGSSLISVGKLIDDITG
;
_entity_poly.pdbx_strand_id   A,B
#
loop_
_chem_comp.id
_chem_comp.type
_chem_comp.name
_chem_comp.formula
UDP RNA linking URIDINE-5'-DIPHOSPHATE 'C9 H14 N2 O12 P2'
#
# COMPACT_ATOMS: atom_id res chain seq x y z
N MET A 3 36.28 -54.29 20.22
CA MET A 3 37.11 -53.14 19.73
C MET A 3 36.50 -52.49 18.50
N SER A 4 36.11 -53.31 17.53
CA SER A 4 35.52 -52.80 16.30
C SER A 4 34.25 -52.01 16.59
N ASP A 5 33.43 -52.52 17.51
CA ASP A 5 32.18 -51.84 17.88
C ASP A 5 32.48 -50.47 18.48
N ILE A 6 33.35 -50.46 19.48
CA ILE A 6 33.73 -49.21 20.14
C ILE A 6 34.22 -48.24 19.07
N ASN A 7 35.06 -48.75 18.18
CA ASN A 7 35.64 -47.97 17.11
C ASN A 7 34.59 -47.37 16.17
N LYS A 8 33.51 -48.11 15.93
CA LYS A 8 32.45 -47.65 15.02
C LYS A 8 31.44 -46.66 15.61
N ASN A 9 31.26 -46.67 16.93
CA ASN A 9 30.31 -45.76 17.56
C ASN A 9 30.72 -44.30 17.43
N SER A 10 29.73 -43.47 17.09
CA SER A 10 29.93 -42.04 16.92
C SER A 10 28.70 -41.31 17.43
N GLU A 11 28.87 -40.06 17.86
CA GLU A 11 27.74 -39.28 18.33
C GLU A 11 27.75 -37.85 17.81
N LEU A 12 26.56 -37.36 17.48
CA LEU A 12 26.40 -35.99 17.01
C LEU A 12 25.45 -35.29 17.95
N ILE A 13 25.65 -33.99 18.14
CA ILE A 13 24.77 -33.22 18.98
C ILE A 13 24.05 -32.22 18.07
N PHE A 14 22.72 -32.34 17.99
CA PHE A 14 21.90 -31.47 17.15
C PHE A 14 21.34 -30.30 17.94
N ILE A 15 21.52 -29.10 17.40
CA ILE A 15 20.99 -27.90 18.04
C ILE A 15 20.19 -27.12 16.99
N PRO A 16 18.93 -27.53 16.77
CA PRO A 16 18.05 -26.89 15.80
C PRO A 16 17.39 -25.62 16.34
N ALA A 17 16.77 -24.85 15.45
CA ALA A 17 16.07 -23.63 15.84
C ALA A 17 14.65 -24.03 16.20
N PRO A 18 13.97 -23.21 17.02
CA PRO A 18 12.59 -23.52 17.43
C PRO A 18 11.55 -23.47 16.30
N GLY A 19 10.41 -24.11 16.54
CA GLY A 19 9.31 -24.11 15.58
C GLY A 19 9.39 -25.03 14.38
N ILE A 20 8.22 -25.43 13.89
CA ILE A 20 8.16 -26.29 12.72
C ILE A 20 8.73 -25.37 11.62
N GLY A 21 9.32 -25.95 10.60
CA GLY A 21 9.89 -25.10 9.56
C GLY A 21 11.39 -25.16 9.72
N HIS A 22 11.83 -25.33 10.96
CA HIS A 22 13.24 -25.46 11.30
C HIS A 22 13.44 -26.81 11.97
N LEU A 23 12.46 -27.23 12.75
CA LEU A 23 12.52 -28.49 13.48
C LEU A 23 12.19 -29.73 12.66
N ALA A 24 11.14 -29.65 11.84
CA ALA A 24 10.70 -30.78 11.02
C ALA A 24 11.83 -31.42 10.22
N SER A 25 12.49 -30.62 9.39
CA SER A 25 13.57 -31.12 8.56
C SER A 25 14.78 -31.59 9.36
N ALA A 26 15.04 -30.94 10.48
CA ALA A 26 16.17 -31.32 11.32
C ALA A 26 15.95 -32.70 11.96
N LEU A 27 14.70 -32.99 12.33
CA LEU A 27 14.38 -34.28 12.93
C LEU A 27 14.39 -35.35 11.86
N GLU A 28 13.89 -35.00 10.67
CA GLU A 28 13.88 -35.94 9.56
C GLU A 28 15.32 -36.23 9.18
N PHE A 29 16.19 -35.22 9.34
CA PHE A 29 17.59 -35.39 9.01
C PHE A 29 18.25 -36.35 10.02
N ALA A 30 17.91 -36.18 11.30
CA ALA A 30 18.48 -37.05 12.33
C ALA A 30 18.09 -38.50 12.04
N LYS A 31 16.86 -38.69 11.55
CA LYS A 31 16.37 -40.02 11.22
C LYS A 31 17.06 -40.60 9.99
N LEU A 32 17.29 -39.76 8.98
CA LEU A 32 17.97 -40.21 7.78
C LEU A 32 19.37 -40.70 8.14
N LEU A 33 20.08 -39.90 8.94
CA LEU A 33 21.44 -40.23 9.36
C LEU A 33 21.49 -41.57 10.09
N THR A 34 20.66 -41.71 11.12
CA THR A 34 20.64 -42.95 11.89
C THR A 34 20.23 -44.16 11.06
N ASN A 35 19.35 -43.97 10.08
CA ASN A 35 18.92 -45.08 9.22
C ASN A 35 20.07 -45.58 8.36
N HIS A 36 21.06 -44.70 8.12
CA HIS A 36 22.19 -45.07 7.28
C HIS A 36 23.51 -45.40 7.98
N ASP A 37 23.45 -45.50 9.31
CA ASP A 37 24.61 -45.89 10.14
C ASP A 37 24.06 -46.33 11.48
N LYS A 38 23.99 -47.65 11.68
CA LYS A 38 23.46 -48.24 12.92
C LYS A 38 24.26 -47.87 14.17
N ASN A 39 25.49 -47.41 13.99
CA ASN A 39 26.35 -47.06 15.10
C ASN A 39 26.45 -45.55 15.31
N LEU A 40 25.56 -44.81 14.67
CA LEU A 40 25.55 -43.36 14.79
C LEU A 40 24.46 -42.96 15.77
N TYR A 41 24.84 -42.26 16.82
CA TYR A 41 23.86 -41.82 17.79
C TYR A 41 23.71 -40.32 17.79
N ILE A 42 22.51 -39.85 18.08
CA ILE A 42 22.25 -38.42 18.08
C ILE A 42 21.52 -37.92 19.31
N THR A 43 21.97 -36.78 19.81
CA THR A 43 21.36 -36.14 20.95
C THR A 43 20.83 -34.82 20.43
N VAL A 44 19.53 -34.59 20.59
CA VAL A 44 18.92 -33.37 20.12
C VAL A 44 18.64 -32.42 21.29
N PHE A 45 19.23 -31.23 21.24
CA PHE A 45 18.98 -30.25 22.29
C PHE A 45 17.68 -29.55 21.95
N CYS A 46 16.73 -29.63 22.88
CA CYS A 46 15.42 -29.03 22.67
C CYS A 46 15.29 -27.69 23.39
N ILE A 47 15.25 -26.62 22.60
CA ILE A 47 15.15 -25.27 23.13
C ILE A 47 13.70 -24.81 23.28
N LYS A 48 13.41 -24.12 24.38
CA LYS A 48 12.07 -23.60 24.64
C LYS A 48 11.99 -22.12 24.22
N PHE A 49 11.21 -21.84 23.18
CA PHE A 49 11.05 -20.47 22.69
C PHE A 49 9.92 -19.78 23.47
N PRO A 50 10.12 -18.51 23.85
CA PRO A 50 9.13 -17.74 24.60
C PRO A 50 7.72 -17.73 23.98
N GLY A 51 6.79 -18.36 24.68
CA GLY A 51 5.42 -18.42 24.21
C GLY A 51 5.28 -19.11 22.86
N MET A 52 5.73 -20.36 22.77
CA MET A 52 5.65 -21.10 21.52
C MET A 52 5.53 -22.62 21.73
N PRO A 53 4.77 -23.28 20.84
CA PRO A 53 4.53 -24.73 20.86
C PRO A 53 5.67 -25.54 20.23
N PHE A 54 5.32 -26.68 19.64
CA PHE A 54 6.29 -27.58 19.02
C PHE A 54 7.37 -27.97 20.01
N ALA A 55 6.94 -28.36 21.21
CA ALA A 55 7.86 -28.76 22.27
C ALA A 55 8.18 -30.26 22.18
N ASP A 56 8.43 -30.87 23.33
CA ASP A 56 8.74 -32.30 23.40
C ASP A 56 7.70 -33.16 22.69
N SER A 57 6.44 -32.88 22.97
CA SER A 57 5.33 -33.64 22.38
C SER A 57 5.49 -33.79 20.87
N TYR A 58 5.69 -32.68 20.19
CA TYR A 58 5.85 -32.67 18.74
C TYR A 58 7.07 -33.49 18.31
N ILE A 59 8.22 -33.19 18.88
CA ILE A 59 9.44 -33.89 18.53
C ILE A 59 9.34 -35.41 18.69
N LYS A 60 8.91 -35.87 19.87
CA LYS A 60 8.78 -37.32 20.08
C LYS A 60 7.81 -37.92 19.06
N SER A 61 6.76 -37.18 18.76
CA SER A 61 5.77 -37.63 17.80
C SER A 61 6.44 -37.85 16.45
N VAL A 62 7.28 -36.90 16.04
CA VAL A 62 8.01 -37.00 14.78
C VAL A 62 9.00 -38.16 14.79
N LEU A 63 9.76 -38.29 15.87
CA LEU A 63 10.76 -39.36 15.99
C LEU A 63 10.13 -40.75 16.04
N ALA A 64 8.94 -40.84 16.62
CA ALA A 64 8.21 -42.10 16.74
C ALA A 64 9.12 -43.28 17.06
N SER A 65 9.84 -43.19 18.17
CA SER A 65 10.73 -44.27 18.58
C SER A 65 11.96 -44.43 17.69
N GLN A 66 13.12 -44.13 18.25
CA GLN A 66 14.40 -44.24 17.55
C GLN A 66 15.47 -44.49 18.61
N PRO A 67 15.96 -45.73 18.70
CA PRO A 67 16.99 -46.14 19.67
C PRO A 67 18.28 -45.32 19.60
N GLN A 68 18.54 -44.73 18.43
CA GLN A 68 19.75 -43.96 18.23
C GLN A 68 19.56 -42.45 18.41
N ILE A 69 18.38 -42.04 18.87
CA ILE A 69 18.11 -40.61 19.06
C ILE A 69 17.46 -40.29 20.41
N GLN A 70 18.10 -39.43 21.19
CA GLN A 70 17.55 -39.04 22.48
C GLN A 70 17.49 -37.53 22.51
N LEU A 71 16.58 -36.97 23.31
CA LEU A 71 16.47 -35.53 23.39
C LEU A 71 16.69 -35.02 24.81
N ILE A 72 17.26 -33.82 24.91
CA ILE A 72 17.54 -33.20 26.19
C ILE A 72 17.06 -31.76 26.13
N ASP A 73 16.19 -31.39 27.06
CA ASP A 73 15.66 -30.03 27.12
C ASP A 73 16.64 -29.08 27.79
N LEU A 74 16.84 -27.90 27.19
CA LEU A 74 17.72 -26.90 27.76
C LEU A 74 16.87 -26.08 28.74
N PRO A 75 17.45 -25.70 29.89
CA PRO A 75 16.67 -24.91 30.86
C PRO A 75 16.12 -23.64 30.23
N GLU A 76 14.95 -23.22 30.69
CA GLU A 76 14.33 -22.01 30.17
C GLU A 76 15.08 -20.79 30.68
N VAL A 77 15.34 -19.84 29.78
CA VAL A 77 16.05 -18.63 30.11
C VAL A 77 15.17 -17.41 29.86
N GLU A 78 15.51 -16.27 30.45
CA GLU A 78 14.73 -15.05 30.25
C GLU A 78 14.78 -14.68 28.78
N PRO A 79 13.61 -14.42 28.17
CA PRO A 79 13.57 -14.05 26.76
C PRO A 79 14.11 -12.63 26.56
N PRO A 80 14.64 -12.33 25.38
CA PRO A 80 15.15 -10.97 25.16
C PRO A 80 14.01 -9.96 25.21
N PRO A 81 14.33 -8.67 25.35
CA PRO A 81 13.25 -7.68 25.39
C PRO A 81 12.42 -7.65 24.11
N GLN A 82 11.10 -7.54 24.29
CA GLN A 82 10.15 -7.52 23.19
C GLN A 82 10.51 -6.42 22.18
N GLU A 83 11.02 -5.30 22.71
CA GLU A 83 11.41 -4.17 21.87
C GLU A 83 12.35 -4.57 20.73
N LEU A 84 13.10 -5.67 20.92
CA LEU A 84 14.03 -6.11 19.89
C LEU A 84 13.31 -6.76 18.71
N LEU A 85 12.01 -6.96 18.84
CA LEU A 85 11.24 -7.56 17.76
C LEU A 85 11.16 -6.65 16.55
N LYS A 86 11.74 -5.46 16.66
CA LYS A 86 11.75 -4.53 15.52
C LYS A 86 12.50 -5.26 14.40
N SER A 87 13.07 -6.41 14.75
CA SER A 87 13.78 -7.29 13.84
C SER A 87 13.69 -8.71 14.40
N PRO A 88 12.81 -9.54 13.84
CA PRO A 88 12.64 -10.92 14.30
C PRO A 88 13.99 -11.65 14.31
N GLU A 89 14.73 -11.51 13.21
CA GLU A 89 16.02 -12.17 13.11
C GLU A 89 16.98 -11.79 14.24
N PHE A 90 17.06 -10.50 14.57
CA PHE A 90 17.97 -10.08 15.64
C PHE A 90 17.47 -10.60 16.98
N TYR A 91 16.15 -10.64 17.14
CA TYR A 91 15.53 -11.14 18.35
C TYR A 91 15.94 -12.60 18.53
N ILE A 92 15.80 -13.39 17.46
CA ILE A 92 16.17 -14.80 17.49
C ILE A 92 17.65 -15.00 17.82
N LEU A 93 18.51 -14.24 17.14
CA LEU A 93 19.94 -14.35 17.37
C LEU A 93 20.28 -14.07 18.82
N THR A 94 19.65 -13.03 19.37
CA THR A 94 19.88 -12.64 20.75
C THR A 94 19.45 -13.73 21.72
N PHE A 95 18.27 -14.30 21.49
CA PHE A 95 17.75 -15.37 22.33
C PHE A 95 18.70 -16.57 22.30
N LEU A 96 19.14 -16.95 21.11
CA LEU A 96 20.03 -18.10 21.00
C LEU A 96 21.37 -17.90 21.68
N GLU A 97 22.00 -16.74 21.49
CA GLU A 97 23.29 -16.50 22.13
C GLU A 97 23.14 -16.45 23.65
N SER A 98 21.93 -16.18 24.14
CA SER A 98 21.70 -16.12 25.58
C SER A 98 21.72 -17.53 26.16
N LEU A 99 21.56 -18.52 25.29
CA LEU A 99 21.55 -19.91 25.71
C LEU A 99 22.93 -20.57 25.64
N ILE A 100 23.95 -19.80 25.24
CA ILE A 100 25.29 -20.35 25.13
C ILE A 100 25.78 -20.99 26.43
N PRO A 101 25.62 -20.29 27.57
CA PRO A 101 26.05 -20.87 28.86
C PRO A 101 25.41 -22.22 29.15
N HIS A 102 24.11 -22.33 28.90
CA HIS A 102 23.40 -23.59 29.13
C HIS A 102 23.77 -24.67 28.12
N VAL A 103 24.12 -24.27 26.91
CA VAL A 103 24.53 -25.24 25.89
C VAL A 103 25.88 -25.81 26.32
N LYS A 104 26.80 -24.94 26.71
CA LYS A 104 28.12 -25.38 27.16
C LYS A 104 27.97 -26.33 28.35
N ALA A 105 27.14 -25.95 29.31
CA ALA A 105 26.93 -26.77 30.49
C ALA A 105 26.35 -28.15 30.15
N THR A 106 25.43 -28.18 29.19
CA THR A 106 24.79 -29.44 28.80
C THR A 106 25.76 -30.34 28.05
N ILE A 107 26.60 -29.73 27.21
CA ILE A 107 27.59 -30.49 26.45
C ILE A 107 28.60 -31.10 27.42
N LYS A 108 28.99 -30.33 28.43
CA LYS A 108 29.94 -30.81 29.42
C LYS A 108 29.38 -32.03 30.15
N THR A 109 28.07 -32.03 30.38
CA THR A 109 27.40 -33.13 31.08
C THR A 109 27.28 -34.44 30.29
N ILE A 110 27.14 -34.35 28.97
CA ILE A 110 26.99 -35.56 28.17
C ILE A 110 28.18 -35.83 27.26
N LEU A 111 29.25 -35.05 27.43
CA LEU A 111 30.44 -35.21 26.60
C LEU A 111 31.07 -36.61 26.74
N SER A 112 31.66 -37.07 25.66
CA SER A 112 32.33 -38.38 25.63
C SER A 112 33.30 -38.26 24.47
N ASN A 113 34.18 -39.25 24.29
CA ASN A 113 35.12 -39.16 23.19
C ASN A 113 34.58 -39.68 21.87
N LYS A 114 33.30 -40.05 21.85
CA LYS A 114 32.70 -40.52 20.60
C LYS A 114 31.93 -39.37 19.91
N VAL A 115 31.79 -38.24 20.61
CA VAL A 115 31.11 -37.07 20.04
C VAL A 115 31.99 -36.51 18.93
N VAL A 116 31.52 -36.55 17.70
CA VAL A 116 32.32 -36.08 16.57
C VAL A 116 31.87 -34.76 15.95
N GLY A 117 30.87 -34.12 16.54
CA GLY A 117 30.44 -32.85 15.99
C GLY A 117 29.09 -32.31 16.38
N LEU A 118 28.88 -31.04 16.07
CA LEU A 118 27.62 -30.37 16.35
C LEU A 118 26.98 -30.12 14.99
N VAL A 119 25.65 -30.17 14.95
CA VAL A 119 24.90 -29.88 13.73
C VAL A 119 24.05 -28.73 14.18
N LEU A 120 24.30 -27.55 13.60
CA LEU A 120 23.63 -26.33 13.99
C LEU A 120 22.74 -25.69 12.95
N ASP A 121 21.64 -25.11 13.40
CA ASP A 121 20.74 -24.41 12.51
C ASP A 121 21.43 -23.09 12.18
N PHE A 122 21.00 -22.47 11.09
CA PHE A 122 21.51 -21.18 10.63
C PHE A 122 21.56 -20.16 11.77
N PHE A 123 20.51 -20.12 12.58
CA PHE A 123 20.44 -19.19 13.70
C PHE A 123 21.27 -19.58 14.92
N CYS A 124 21.79 -20.81 14.93
CA CYS A 124 22.57 -21.28 16.07
C CYS A 124 24.07 -21.37 15.82
N VAL A 125 24.56 -20.75 14.74
CA VAL A 125 25.98 -20.82 14.43
C VAL A 125 26.93 -20.17 15.45
N SER A 126 26.39 -19.42 16.40
CA SER A 126 27.26 -18.82 17.41
C SER A 126 27.77 -19.95 18.31
N MET A 127 27.04 -21.06 18.30
CA MET A 127 27.41 -22.22 19.11
C MET A 127 28.70 -22.89 18.63
N ILE A 128 29.23 -22.44 17.50
CA ILE A 128 30.47 -23.01 16.99
C ILE A 128 31.60 -22.85 18.01
N ASP A 129 31.65 -21.68 18.64
CA ASP A 129 32.69 -21.41 19.62
C ASP A 129 32.59 -22.34 20.82
N VAL A 130 31.37 -22.68 21.21
CA VAL A 130 31.18 -23.58 22.34
C VAL A 130 31.74 -24.94 21.95
N GLY A 131 31.47 -25.37 20.73
CA GLY A 131 31.98 -26.64 20.25
C GLY A 131 33.50 -26.66 20.27
N ASN A 132 34.11 -25.57 19.80
CA ASN A 132 35.56 -25.49 19.77
C ASN A 132 36.14 -25.64 21.17
N GLU A 133 35.44 -25.15 22.19
CA GLU A 133 35.95 -25.27 23.55
C GLU A 133 36.15 -26.73 23.92
N PHE A 134 35.35 -27.61 23.31
CA PHE A 134 35.46 -29.04 23.59
C PHE A 134 36.17 -29.79 22.47
N GLY A 135 36.73 -29.04 21.52
CA GLY A 135 37.41 -29.65 20.39
C GLY A 135 36.46 -30.33 19.42
N ILE A 136 35.19 -29.94 19.48
CA ILE A 136 34.14 -30.50 18.63
C ILE A 136 33.86 -29.59 17.44
N PRO A 137 34.01 -30.10 16.21
CA PRO A 137 33.75 -29.26 15.02
C PRO A 137 32.24 -29.10 14.81
N SER A 138 31.86 -28.09 14.03
CA SER A 138 30.45 -27.84 13.79
C SER A 138 30.06 -27.92 12.31
N TYR A 139 28.84 -28.42 12.09
CA TYR A 139 28.27 -28.55 10.76
C TYR A 139 27.04 -27.66 10.71
N LEU A 140 26.87 -26.95 9.60
CA LEU A 140 25.70 -26.10 9.45
C LEU A 140 24.63 -26.92 8.76
N PHE A 141 23.43 -26.92 9.33
CA PHE A 141 22.32 -27.63 8.70
C PHE A 141 21.35 -26.53 8.28
N LEU A 142 21.27 -26.28 6.98
CA LEU A 142 20.42 -25.23 6.43
C LEU A 142 19.03 -25.75 6.04
N THR A 143 18.01 -25.21 6.69
CA THR A 143 16.65 -25.62 6.41
C THR A 143 16.10 -24.93 5.17
N SER A 144 16.86 -23.99 4.63
CA SER A 144 16.45 -23.30 3.41
C SER A 144 17.23 -23.90 2.24
N ASN A 145 17.33 -23.19 1.11
CA ASN A 145 18.03 -23.73 -0.06
C ASN A 145 19.37 -23.09 -0.40
N VAL A 146 19.97 -23.55 -1.49
CA VAL A 146 21.27 -23.05 -1.92
C VAL A 146 21.17 -21.59 -2.36
N GLY A 147 19.95 -21.17 -2.69
CA GLY A 147 19.75 -19.79 -3.10
C GLY A 147 20.01 -18.92 -1.89
N PHE A 148 19.41 -19.28 -0.76
CA PHE A 148 19.59 -18.52 0.47
C PHE A 148 21.05 -18.58 0.89
N LEU A 149 21.67 -19.74 0.72
CA LEU A 149 23.09 -19.90 1.09
C LEU A 149 23.93 -18.93 0.27
N SER A 150 23.64 -18.83 -1.02
CA SER A 150 24.39 -17.93 -1.91
C SER A 150 24.29 -16.49 -1.43
N LEU A 151 23.10 -16.08 -1.01
CA LEU A 151 22.88 -14.73 -0.53
C LEU A 151 23.70 -14.47 0.73
N MET A 152 23.67 -15.42 1.67
CA MET A 152 24.41 -15.28 2.91
C MET A 152 25.92 -15.22 2.67
N LEU A 153 26.43 -16.07 1.78
CA LEU A 153 27.86 -16.09 1.47
C LEU A 153 28.36 -14.82 0.77
N SER A 154 27.44 -14.08 0.13
CA SER A 154 27.80 -12.85 -0.58
C SER A 154 28.01 -11.67 0.36
N LEU A 155 27.50 -11.77 1.58
CA LEU A 155 27.63 -10.69 2.55
C LEU A 155 29.07 -10.43 2.97
N LYS A 156 29.97 -11.36 2.69
CA LYS A 156 31.38 -11.19 3.06
C LYS A 156 32.06 -10.03 2.30
N ASN A 157 31.61 -9.78 1.08
CA ASN A 157 32.18 -8.73 0.26
C ASN A 157 31.74 -7.34 0.72
N ARG A 158 30.88 -7.28 1.73
CA ARG A 158 30.42 -5.99 2.22
C ARG A 158 30.66 -5.79 3.71
N GLN A 159 30.40 -4.57 4.18
CA GLN A 159 30.59 -4.24 5.59
C GLN A 159 29.29 -4.42 6.35
N ILE A 160 29.40 -4.60 7.66
CA ILE A 160 28.23 -4.79 8.50
C ILE A 160 27.40 -3.52 8.59
N GLU A 161 28.01 -2.37 8.28
CA GLU A 161 27.28 -1.12 8.32
C GLU A 161 26.57 -0.78 7.02
N GLU A 162 26.90 -1.48 5.94
CA GLU A 162 26.22 -1.19 4.68
C GLU A 162 24.99 -2.07 4.44
N VAL A 163 23.89 -1.68 5.06
CA VAL A 163 22.61 -2.37 4.91
C VAL A 163 22.14 -2.18 3.48
N PHE A 164 21.42 -3.16 2.93
CA PHE A 164 20.93 -3.03 1.56
C PHE A 164 20.03 -1.81 1.42
N ASP A 165 20.14 -1.12 0.30
CA ASP A 165 19.35 0.08 0.04
C ASP A 165 17.85 -0.18 -0.06
N ASP A 166 17.10 0.42 0.85
CA ASP A 166 15.66 0.30 0.91
C ASP A 166 15.05 1.38 0.01
N SER A 167 15.92 2.07 -0.72
CA SER A 167 15.49 3.15 -1.61
C SER A 167 14.74 2.62 -2.83
N ASP A 168 15.45 2.55 -3.96
CA ASP A 168 14.85 2.09 -5.20
C ASP A 168 15.09 0.61 -5.47
N ARG A 169 14.48 -0.25 -4.65
CA ARG A 169 14.62 -1.69 -4.82
C ARG A 169 13.64 -2.16 -5.89
N ASP A 170 12.80 -1.24 -6.35
CA ASP A 170 11.83 -1.53 -7.38
C ASP A 170 12.57 -1.73 -8.70
N HIS A 171 13.82 -1.28 -8.73
CA HIS A 171 14.67 -1.43 -9.90
C HIS A 171 16.15 -1.42 -9.51
N GLN A 172 16.62 -2.56 -9.02
CA GLN A 172 18.01 -2.71 -8.61
C GLN A 172 18.37 -4.18 -8.72
N LEU A 173 18.91 -4.57 -9.87
CA LEU A 173 19.30 -5.96 -10.09
C LEU A 173 20.65 -6.23 -9.43
N LEU A 174 20.72 -7.34 -8.70
CA LEU A 174 21.95 -7.72 -8.02
C LEU A 174 22.48 -9.03 -8.58
N ASN A 175 23.81 -9.12 -8.68
CA ASN A 175 24.42 -10.35 -9.18
C ASN A 175 24.95 -11.12 -7.99
N ILE A 176 24.25 -12.17 -7.61
CA ILE A 176 24.65 -13.00 -6.48
C ILE A 176 25.18 -14.34 -6.98
N PRO A 177 26.48 -14.61 -6.76
CA PRO A 177 27.07 -15.87 -7.20
C PRO A 177 26.33 -17.04 -6.56
N GLY A 178 25.87 -17.95 -7.41
CA GLY A 178 25.12 -19.10 -6.94
C GLY A 178 23.75 -19.06 -7.61
N ILE A 179 23.25 -17.85 -7.82
CA ILE A 179 21.95 -17.64 -8.46
C ILE A 179 22.18 -17.15 -9.88
N SER A 180 21.77 -17.95 -10.87
CA SER A 180 21.97 -17.61 -12.28
C SER A 180 21.32 -16.32 -12.77
N ASN A 181 20.09 -16.08 -12.34
CA ASN A 181 19.38 -14.86 -12.74
C ASN A 181 19.84 -13.67 -11.92
N GLN A 182 19.74 -12.48 -12.50
CA GLN A 182 20.09 -11.27 -11.76
C GLN A 182 18.91 -11.20 -10.79
N VAL A 183 19.18 -10.99 -9.52
CA VAL A 183 18.10 -10.94 -8.54
C VAL A 183 17.56 -9.54 -8.31
N PRO A 184 16.24 -9.35 -8.52
CA PRO A 184 15.65 -8.04 -8.29
C PRO A 184 15.87 -7.72 -6.83
N SER A 185 16.17 -6.47 -6.52
CA SER A 185 16.41 -6.11 -5.14
C SER A 185 15.12 -6.27 -4.34
N ASN A 186 13.97 -6.13 -4.99
CA ASN A 186 12.69 -6.23 -4.29
C ASN A 186 12.24 -7.64 -3.87
N VAL A 187 13.11 -8.64 -4.05
CA VAL A 187 12.75 -10.00 -3.62
C VAL A 187 13.72 -10.45 -2.52
N LEU A 188 14.55 -9.52 -2.06
CA LEU A 188 15.49 -9.83 -0.98
C LEU A 188 14.71 -9.91 0.31
N PRO A 189 15.20 -10.68 1.29
CA PRO A 189 14.55 -10.84 2.59
C PRO A 189 14.46 -9.50 3.34
N ASP A 190 13.41 -9.33 4.15
CA ASP A 190 13.25 -8.09 4.92
C ASP A 190 14.53 -7.75 5.66
N ALA A 191 15.13 -8.76 6.30
CA ALA A 191 16.35 -8.58 7.07
C ALA A 191 17.46 -7.82 6.36
N CYS A 192 17.59 -8.01 5.06
CA CYS A 192 18.64 -7.32 4.29
C CYS A 192 18.49 -5.81 4.30
N PHE A 193 17.26 -5.34 4.48
CA PHE A 193 16.97 -3.91 4.48
C PHE A 193 16.74 -3.38 5.87
N ASN A 194 16.68 -4.28 6.85
CA ASN A 194 16.42 -3.87 8.22
C ASN A 194 17.62 -3.20 8.89
N LYS A 195 17.46 -1.92 9.20
CA LYS A 195 18.54 -1.17 9.85
C LYS A 195 18.42 -1.24 11.37
N ASP A 196 17.46 -2.02 11.85
CA ASP A 196 17.26 -2.17 13.29
C ASP A 196 17.66 -3.55 13.81
N GLY A 197 18.73 -4.11 13.26
CA GLY A 197 19.20 -5.40 13.72
C GLY A 197 19.12 -6.51 12.69
N GLY A 198 18.16 -6.42 11.77
CA GLY A 198 17.99 -7.44 10.74
C GLY A 198 19.25 -7.71 9.94
N TYR A 199 19.77 -6.69 9.26
CA TYR A 199 20.98 -6.86 8.46
C TYR A 199 22.15 -7.32 9.35
N ILE A 200 22.28 -6.70 10.52
CA ILE A 200 23.33 -7.06 11.45
C ILE A 200 23.29 -8.56 11.79
N ALA A 201 22.09 -9.07 12.04
CA ALA A 201 21.91 -10.49 12.37
C ALA A 201 22.35 -11.38 11.20
N TYR A 202 21.82 -11.10 10.02
CA TYR A 202 22.20 -11.88 8.84
C TYR A 202 23.72 -11.84 8.68
N TYR A 203 24.27 -10.63 8.77
CA TYR A 203 25.72 -10.44 8.62
C TYR A 203 26.51 -11.27 9.63
N LYS A 204 26.15 -11.14 10.90
CA LYS A 204 26.85 -11.87 11.97
C LYS A 204 26.78 -13.39 11.83
N LEU A 205 25.66 -13.90 11.34
CA LEU A 205 25.48 -15.33 11.16
C LEU A 205 26.25 -15.82 9.94
N ALA A 206 26.07 -15.16 8.80
CA ALA A 206 26.76 -15.55 7.56
C ALA A 206 28.27 -15.59 7.80
N GLU A 207 28.73 -14.68 8.63
CA GLU A 207 30.14 -14.56 8.97
C GLU A 207 30.72 -15.87 9.54
N ARG A 208 29.87 -16.66 10.20
CA ARG A 208 30.33 -17.92 10.79
C ARG A 208 30.20 -19.13 9.87
N PHE A 209 29.50 -18.97 8.74
CA PHE A 209 29.30 -20.08 7.80
C PHE A 209 30.58 -20.82 7.41
N ARG A 210 31.62 -20.05 7.08
CA ARG A 210 32.88 -20.63 6.65
C ARG A 210 33.69 -21.30 7.77
N ASP A 211 33.22 -21.19 9.01
CA ASP A 211 33.91 -21.81 10.12
C ASP A 211 33.40 -23.23 10.38
N THR A 212 32.42 -23.65 9.59
CA THR A 212 31.84 -24.99 9.74
C THR A 212 32.65 -25.99 8.93
N LYS A 213 32.60 -27.25 9.35
CA LYS A 213 33.31 -28.33 8.68
C LYS A 213 32.56 -28.76 7.43
N GLY A 214 31.28 -28.36 7.34
CA GLY A 214 30.47 -28.71 6.18
C GLY A 214 29.10 -28.06 6.24
N ILE A 215 28.49 -27.84 5.09
CA ILE A 215 27.17 -27.23 5.03
C ILE A 215 26.17 -28.21 4.41
N ILE A 216 25.21 -28.64 5.22
CA ILE A 216 24.20 -29.59 4.79
C ILE A 216 22.93 -28.82 4.46
N VAL A 217 22.41 -29.01 3.24
CA VAL A 217 21.22 -28.31 2.78
C VAL A 217 20.04 -29.19 2.44
N ASN A 218 18.85 -28.75 2.84
CA ASN A 218 17.63 -29.46 2.54
C ASN A 218 17.24 -29.12 1.11
N THR A 219 17.92 -29.73 0.15
CA THR A 219 17.66 -29.51 -1.27
C THR A 219 18.22 -30.74 -2.01
N PHE A 220 17.97 -30.84 -3.31
CA PHE A 220 18.52 -31.97 -4.05
C PHE A 220 19.26 -31.53 -5.30
N SER A 221 20.22 -32.35 -5.72
CA SER A 221 21.05 -32.08 -6.88
C SER A 221 20.32 -31.67 -8.16
N ASP A 222 19.27 -32.40 -8.53
CA ASP A 222 18.53 -32.07 -9.75
C ASP A 222 17.91 -30.67 -9.67
N LEU A 223 17.84 -30.12 -8.47
CA LEU A 223 17.26 -28.79 -8.31
C LEU A 223 18.31 -27.69 -8.28
N GLU A 224 19.36 -27.85 -7.47
CA GLU A 224 20.36 -26.79 -7.34
C GLU A 224 21.83 -27.15 -7.54
N GLN A 225 22.13 -28.22 -8.28
CA GLN A 225 23.53 -28.56 -8.47
C GLN A 225 24.31 -27.44 -9.16
N SER A 226 23.72 -26.82 -10.17
CA SER A 226 24.41 -25.75 -10.89
C SER A 226 24.72 -24.57 -9.96
N SER A 227 23.86 -24.35 -8.95
CA SER A 227 24.09 -23.28 -8.00
C SER A 227 25.25 -23.64 -7.09
N ILE A 228 25.28 -24.89 -6.65
CA ILE A 228 26.35 -25.37 -5.79
C ILE A 228 27.67 -25.28 -6.56
N ASP A 229 27.65 -25.70 -7.82
CA ASP A 229 28.86 -25.64 -8.64
C ASP A 229 29.33 -24.20 -8.82
N ALA A 230 28.37 -23.29 -9.01
CA ALA A 230 28.68 -21.88 -9.20
C ALA A 230 29.38 -21.31 -7.96
N LEU A 231 28.91 -21.71 -6.79
CA LEU A 231 29.51 -21.22 -5.55
C LEU A 231 30.97 -21.64 -5.43
N TYR A 232 31.26 -22.90 -5.71
CA TYR A 232 32.63 -23.38 -5.65
C TYR A 232 33.51 -22.63 -6.64
N ASP A 233 33.04 -22.50 -7.88
CA ASP A 233 33.79 -21.81 -8.92
C ASP A 233 34.05 -20.35 -8.54
N HIS A 234 33.37 -19.85 -7.52
CA HIS A 234 33.55 -18.46 -7.11
C HIS A 234 34.48 -18.31 -5.90
N ASP A 235 34.30 -19.17 -4.90
CA ASP A 235 35.14 -19.10 -3.71
C ASP A 235 35.36 -20.49 -3.12
N GLU A 236 36.54 -21.05 -3.37
CA GLU A 236 36.89 -22.37 -2.89
C GLU A 236 37.03 -22.43 -1.37
N LYS A 237 36.98 -21.28 -0.71
CA LYS A 237 37.09 -21.21 0.75
C LYS A 237 35.85 -21.75 1.44
N ILE A 238 34.80 -21.98 0.67
CA ILE A 238 33.55 -22.49 1.21
C ILE A 238 33.67 -23.96 1.56
N PRO A 239 33.23 -24.37 2.76
CA PRO A 239 33.34 -25.79 3.12
C PRO A 239 32.50 -26.63 2.16
N PRO A 240 32.60 -27.97 2.26
CA PRO A 240 31.85 -28.87 1.39
C PRO A 240 30.34 -28.71 1.60
N ILE A 241 29.58 -28.70 0.50
CA ILE A 241 28.13 -28.57 0.56
C ILE A 241 27.46 -29.91 0.24
N TYR A 242 26.57 -30.36 1.12
CA TYR A 242 25.88 -31.64 0.94
C TYR A 242 24.38 -31.47 0.75
N ALA A 243 23.87 -31.93 -0.39
CA ALA A 243 22.45 -31.86 -0.67
C ALA A 243 21.89 -33.21 -0.25
N VAL A 244 21.04 -33.24 0.77
CA VAL A 244 20.50 -34.48 1.28
C VAL A 244 18.98 -34.55 1.33
N GLY A 245 18.33 -33.61 0.65
CA GLY A 245 16.88 -33.58 0.65
C GLY A 245 16.25 -34.23 -0.58
N PRO A 246 14.92 -34.12 -0.72
CA PRO A 246 14.02 -33.41 0.21
C PRO A 246 13.91 -34.13 1.55
N LEU A 247 13.94 -33.35 2.63
CA LEU A 247 13.78 -33.89 3.98
C LEU A 247 12.39 -33.43 4.40
N LEU A 248 11.42 -34.35 4.41
CA LEU A 248 10.06 -34.00 4.76
C LEU A 248 9.38 -34.94 5.74
N ASP A 249 8.39 -34.40 6.44
CA ASP A 249 7.58 -35.20 7.35
C ASP A 249 6.29 -35.45 6.55
N LEU A 250 6.24 -36.62 5.90
CA LEU A 250 5.11 -36.98 5.05
C LEU A 250 3.84 -37.42 5.78
N LYS A 251 3.92 -37.55 7.09
CA LYS A 251 2.74 -37.96 7.86
C LYS A 251 2.08 -36.76 8.52
N GLY A 252 2.92 -35.89 9.07
CA GLY A 252 2.41 -34.72 9.76
C GLY A 252 2.14 -35.12 11.20
N GLN A 253 2.28 -34.18 12.13
CA GLN A 253 2.05 -34.47 13.54
C GLN A 253 0.87 -33.66 14.07
N PRO A 254 0.16 -34.19 15.08
CA PRO A 254 -0.99 -33.54 15.71
C PRO A 254 -0.74 -32.14 16.24
N ASN A 255 -1.70 -31.25 16.00
CA ASN A 255 -1.61 -29.86 16.46
C ASN A 255 -2.92 -29.52 17.18
N PRO A 256 -2.83 -28.83 18.32
CA PRO A 256 -4.01 -28.45 19.11
C PRO A 256 -5.06 -27.66 18.34
N LYS A 257 -4.61 -26.89 17.36
CA LYS A 257 -5.52 -26.06 16.57
C LYS A 257 -6.33 -26.90 15.58
N LEU A 258 -6.11 -28.21 15.59
CA LEU A 258 -6.81 -29.12 14.70
C LEU A 258 -7.11 -30.43 15.40
N ASP A 259 -8.37 -30.64 15.79
CA ASP A 259 -8.76 -31.88 16.46
C ASP A 259 -8.96 -33.00 15.43
N GLN A 260 -9.04 -34.23 15.92
CA GLN A 260 -9.21 -35.39 15.04
C GLN A 260 -10.46 -35.27 14.16
N ALA A 261 -11.57 -34.83 14.76
CA ALA A 261 -12.82 -34.68 14.02
C ALA A 261 -12.64 -33.70 12.86
N GLN A 262 -12.04 -32.56 13.15
CA GLN A 262 -11.79 -31.51 12.16
C GLN A 262 -10.88 -32.08 11.07
N HIS A 263 -9.82 -32.75 11.51
CA HIS A 263 -8.86 -33.36 10.62
C HIS A 263 -9.55 -34.33 9.66
N ASP A 264 -10.34 -35.23 10.20
CA ASP A 264 -11.03 -36.23 9.40
C ASP A 264 -12.02 -35.62 8.41
N LEU A 265 -12.75 -34.60 8.85
CA LEU A 265 -13.74 -33.96 7.98
C LEU A 265 -13.11 -33.30 6.76
N ILE A 266 -11.99 -32.62 6.97
CA ILE A 266 -11.30 -31.96 5.86
C ILE A 266 -10.95 -32.97 4.77
N LEU A 267 -10.31 -34.07 5.16
CA LEU A 267 -9.93 -35.07 4.19
C LEU A 267 -11.15 -35.74 3.54
N LYS A 268 -12.21 -35.92 4.31
CA LYS A 268 -13.40 -36.53 3.76
C LYS A 268 -14.09 -35.57 2.77
N TRP A 269 -14.07 -34.28 3.10
CA TRP A 269 -14.67 -33.29 2.22
C TRP A 269 -13.90 -33.31 0.90
N LEU A 270 -12.57 -33.45 0.99
CA LEU A 270 -11.74 -33.49 -0.20
C LEU A 270 -12.08 -34.72 -1.04
N ASP A 271 -12.34 -35.84 -0.36
CA ASP A 271 -12.69 -37.08 -1.05
C ASP A 271 -13.88 -36.85 -1.98
N GLU A 272 -14.80 -35.98 -1.57
CA GLU A 272 -16.00 -35.70 -2.36
C GLU A 272 -15.79 -34.76 -3.54
N GLN A 273 -14.61 -34.14 -3.65
CA GLN A 273 -14.35 -33.20 -4.73
C GLN A 273 -13.68 -33.84 -5.94
N PRO A 274 -13.91 -33.28 -7.14
CA PRO A 274 -13.32 -33.81 -8.38
C PRO A 274 -11.80 -33.75 -8.31
N ASP A 275 -11.13 -34.66 -9.00
CA ASP A 275 -9.67 -34.70 -9.03
C ASP A 275 -9.06 -33.37 -9.51
N LYS A 276 -8.04 -32.91 -8.78
CA LYS A 276 -7.33 -31.66 -9.08
C LYS A 276 -8.22 -30.44 -9.25
N SER A 277 -9.35 -30.40 -8.55
CA SER A 277 -10.28 -29.28 -8.66
C SER A 277 -10.21 -28.31 -7.50
N VAL A 278 -9.50 -28.67 -6.44
CA VAL A 278 -9.42 -27.83 -5.26
C VAL A 278 -8.12 -27.04 -5.11
N VAL A 279 -8.25 -25.77 -4.72
CA VAL A 279 -7.07 -24.94 -4.49
C VAL A 279 -6.89 -24.87 -2.97
N PHE A 280 -5.66 -25.13 -2.53
CA PHE A 280 -5.30 -25.09 -1.11
C PHE A 280 -4.60 -23.76 -0.85
N LEU A 281 -4.98 -23.08 0.23
CA LEU A 281 -4.36 -21.81 0.61
C LEU A 281 -3.86 -21.94 2.04
N CYS A 282 -2.56 -21.77 2.23
CA CYS A 282 -1.96 -21.88 3.56
C CYS A 282 -0.72 -20.99 3.59
N PHE A 283 -0.59 -20.22 4.65
CA PHE A 283 0.52 -19.28 4.73
C PHE A 283 1.48 -19.46 5.90
N GLY A 284 1.95 -20.69 6.09
CA GLY A 284 2.91 -20.94 7.16
C GLY A 284 2.36 -21.28 8.53
N SER A 285 3.26 -21.47 9.49
CA SER A 285 2.89 -21.84 10.85
C SER A 285 2.96 -20.73 11.89
N MET A 286 3.22 -19.49 11.47
CA MET A 286 3.33 -18.36 12.39
C MET A 286 2.01 -17.91 13.03
N GLY A 287 0.89 -18.36 12.50
CA GLY A 287 -0.40 -18.02 13.08
C GLY A 287 -0.85 -16.57 12.95
N VAL A 288 -0.17 -15.79 12.12
CA VAL A 288 -0.53 -14.38 11.92
C VAL A 288 -1.19 -14.22 10.54
N SER A 289 -2.46 -13.83 10.53
CA SER A 289 -3.15 -13.68 9.26
C SER A 289 -3.03 -12.29 8.65
N PHE A 290 -3.57 -12.16 7.44
CA PHE A 290 -3.60 -10.91 6.72
C PHE A 290 -4.60 -10.03 7.46
N GLY A 291 -4.58 -8.72 7.18
CA GLY A 291 -5.52 -7.83 7.83
C GLY A 291 -6.92 -8.07 7.31
N PRO A 292 -7.95 -7.47 7.94
CA PRO A 292 -9.36 -7.63 7.53
C PRO A 292 -9.65 -7.38 6.05
N SER A 293 -9.21 -6.24 5.54
CA SER A 293 -9.44 -5.89 4.13
C SER A 293 -8.89 -6.95 3.20
N GLN A 294 -7.65 -7.38 3.45
CA GLN A 294 -7.03 -8.39 2.60
C GLN A 294 -7.77 -9.72 2.66
N ILE A 295 -8.24 -10.10 3.84
CA ILE A 295 -8.99 -11.33 3.99
C ILE A 295 -10.25 -11.26 3.14
N ARG A 296 -10.94 -10.11 3.18
CA ARG A 296 -12.17 -9.91 2.40
C ARG A 296 -11.91 -10.06 0.91
N GLU A 297 -10.79 -9.50 0.44
CA GLU A 297 -10.45 -9.56 -0.97
C GLU A 297 -10.12 -10.98 -1.41
N ILE A 298 -9.50 -11.76 -0.53
CA ILE A 298 -9.19 -13.15 -0.85
C ILE A 298 -10.51 -13.92 -0.94
N ALA A 299 -11.39 -13.72 0.04
CA ALA A 299 -12.67 -14.40 0.07
C ALA A 299 -13.49 -14.13 -1.21
N LEU A 300 -13.58 -12.85 -1.59
CA LEU A 300 -14.32 -12.48 -2.80
C LEU A 300 -13.68 -13.07 -4.06
N GLY A 301 -12.35 -13.01 -4.13
CA GLY A 301 -11.63 -13.53 -5.29
C GLY A 301 -11.86 -15.03 -5.43
N LEU A 302 -11.80 -15.73 -4.32
CA LEU A 302 -12.02 -17.17 -4.30
C LEU A 302 -13.43 -17.47 -4.79
N LYS A 303 -14.41 -16.79 -4.22
CA LYS A 303 -15.79 -17.03 -4.62
C LYS A 303 -16.04 -16.71 -6.09
N HIS A 304 -15.48 -15.60 -6.56
CA HIS A 304 -15.64 -15.19 -7.96
C HIS A 304 -14.96 -16.13 -8.95
N SER A 305 -13.86 -16.75 -8.53
CA SER A 305 -13.13 -17.66 -9.41
C SER A 305 -13.91 -18.94 -9.69
N GLY A 306 -14.84 -19.27 -8.80
CA GLY A 306 -15.61 -20.48 -8.96
C GLY A 306 -14.84 -21.75 -8.63
N VAL A 307 -13.61 -21.64 -8.14
CA VAL A 307 -12.84 -22.83 -7.80
C VAL A 307 -13.18 -23.33 -6.41
N ARG A 308 -13.09 -24.63 -6.19
CA ARG A 308 -13.35 -25.17 -4.87
C ARG A 308 -12.08 -24.89 -4.07
N PHE A 309 -12.21 -24.71 -2.76
CA PHE A 309 -11.03 -24.38 -1.96
C PHE A 309 -11.03 -24.85 -0.52
N LEU A 310 -9.83 -25.00 0.02
CA LEU A 310 -9.59 -25.35 1.42
C LEU A 310 -8.67 -24.21 1.83
N TRP A 311 -9.17 -23.32 2.67
CA TRP A 311 -8.44 -22.13 3.09
C TRP A 311 -8.08 -22.14 4.56
N SER A 312 -6.79 -22.19 4.83
CA SER A 312 -6.30 -22.20 6.20
C SER A 312 -5.94 -20.77 6.60
N ASN A 313 -6.57 -20.27 7.66
CA ASN A 313 -6.29 -18.94 8.15
C ASN A 313 -6.83 -18.79 9.55
N SER A 314 -6.34 -17.79 10.27
CA SER A 314 -6.77 -17.56 11.64
C SER A 314 -7.55 -16.26 11.81
N ALA A 315 -8.29 -15.88 10.78
CA ALA A 315 -9.09 -14.65 10.83
C ALA A 315 -10.36 -14.83 11.63
N GLU A 316 -10.81 -13.76 12.28
CA GLU A 316 -12.04 -13.82 13.05
C GLU A 316 -13.22 -13.81 12.07
N LYS A 317 -14.30 -14.48 12.45
CA LYS A 317 -15.50 -14.59 11.60
C LYS A 317 -16.16 -13.27 11.20
N LYS A 318 -16.15 -12.29 12.10
CA LYS A 318 -16.78 -11.01 11.82
C LYS A 318 -16.13 -10.25 10.66
N VAL A 319 -14.89 -10.58 10.36
CA VAL A 319 -14.13 -9.92 9.29
C VAL A 319 -14.59 -10.25 7.86
N PHE A 320 -15.11 -11.45 7.65
CA PHE A 320 -15.51 -11.90 6.32
C PHE A 320 -16.63 -11.12 5.64
N PRO A 321 -16.65 -11.09 4.30
CA PRO A 321 -17.71 -10.35 3.60
C PRO A 321 -19.06 -10.91 4.04
N GLU A 322 -20.06 -10.04 4.22
CA GLU A 322 -21.37 -10.49 4.62
C GLU A 322 -21.86 -11.58 3.66
N GLY A 323 -22.35 -12.68 4.23
CA GLY A 323 -22.86 -13.78 3.41
C GLY A 323 -21.84 -14.79 2.93
N PHE A 324 -20.56 -14.43 2.96
CA PHE A 324 -19.53 -15.36 2.50
C PHE A 324 -19.54 -16.70 3.25
N LEU A 325 -19.42 -16.66 4.57
CA LEU A 325 -19.40 -17.90 5.34
C LEU A 325 -20.69 -18.71 5.15
N GLU A 326 -21.83 -18.03 5.08
CA GLU A 326 -23.10 -18.72 4.88
C GLU A 326 -23.07 -19.47 3.55
N TRP A 327 -22.70 -18.77 2.50
CA TRP A 327 -22.60 -19.35 1.16
C TRP A 327 -21.67 -20.57 1.14
N MET A 328 -20.51 -20.40 1.75
CA MET A 328 -19.50 -21.45 1.80
C MET A 328 -20.05 -22.74 2.40
N GLU A 329 -20.73 -22.64 3.54
CA GLU A 329 -21.27 -23.83 4.18
C GLU A 329 -22.63 -24.23 3.61
N LEU A 330 -23.19 -23.38 2.76
CA LEU A 330 -24.48 -23.66 2.13
C LEU A 330 -24.22 -24.54 0.90
N GLU A 331 -23.28 -24.09 0.07
CA GLU A 331 -22.92 -24.80 -1.15
C GLU A 331 -21.86 -25.87 -0.87
N GLY A 332 -20.99 -25.61 0.09
CA GLY A 332 -19.92 -26.55 0.41
C GLY A 332 -18.87 -26.52 -0.69
N LYS A 333 -18.75 -25.39 -1.38
CA LYS A 333 -17.77 -25.27 -2.45
C LYS A 333 -16.41 -24.94 -1.85
N GLY A 334 -16.39 -24.62 -0.56
CA GLY A 334 -15.15 -24.29 0.10
C GLY A 334 -15.17 -24.61 1.58
N MET A 335 -13.99 -24.59 2.18
CA MET A 335 -13.87 -24.90 3.59
C MET A 335 -12.74 -24.07 4.18
N ILE A 336 -12.90 -23.67 5.43
CA ILE A 336 -11.88 -22.90 6.13
C ILE A 336 -11.48 -23.67 7.40
N CYS A 337 -10.20 -23.66 7.72
CA CYS A 337 -9.68 -24.33 8.91
C CYS A 337 -8.64 -23.42 9.56
N GLY A 338 -8.31 -23.67 10.82
CA GLY A 338 -7.33 -22.85 11.52
C GLY A 338 -5.91 -23.34 11.32
N TRP A 339 -5.74 -24.65 11.24
CA TRP A 339 -4.45 -25.28 11.02
C TRP A 339 -4.80 -26.48 10.17
N ALA A 340 -4.03 -26.68 9.11
CA ALA A 340 -4.32 -27.77 8.21
C ALA A 340 -3.30 -28.89 8.27
N PRO A 341 -3.71 -30.11 7.90
CA PRO A 341 -2.82 -31.27 7.90
C PRO A 341 -2.24 -31.15 6.49
N GLN A 342 -1.35 -30.16 6.32
CA GLN A 342 -0.77 -29.85 5.02
C GLN A 342 -0.22 -30.96 4.14
N VAL A 343 0.61 -31.85 4.67
CA VAL A 343 1.12 -32.91 3.81
C VAL A 343 0.05 -33.88 3.33
N GLU A 344 -0.97 -34.12 4.15
CA GLU A 344 -2.05 -35.01 3.74
C GLU A 344 -2.90 -34.31 2.69
N VAL A 345 -3.06 -33.00 2.84
CA VAL A 345 -3.83 -32.23 1.88
C VAL A 345 -3.12 -32.23 0.53
N LEU A 346 -1.83 -31.90 0.53
CA LEU A 346 -1.07 -31.86 -0.71
C LEU A 346 -0.98 -33.23 -1.39
N ALA A 347 -1.17 -34.29 -0.61
CA ALA A 347 -1.11 -35.64 -1.13
C ALA A 347 -2.43 -36.07 -1.75
N HIS A 348 -3.50 -35.36 -1.42
CA HIS A 348 -4.84 -35.69 -1.91
C HIS A 348 -5.04 -35.43 -3.41
N LYS A 349 -5.73 -36.34 -4.08
CA LYS A 349 -5.99 -36.22 -5.51
C LYS A 349 -6.85 -35.03 -5.91
N ALA A 350 -7.65 -34.52 -4.96
CA ALA A 350 -8.51 -33.37 -5.26
C ALA A 350 -7.75 -32.05 -5.41
N ILE A 351 -6.57 -31.97 -4.79
CA ILE A 351 -5.76 -30.75 -4.83
C ILE A 351 -5.06 -30.48 -6.16
N GLY A 352 -5.47 -29.39 -6.81
CA GLY A 352 -4.90 -29.02 -8.10
C GLY A 352 -4.03 -27.78 -8.04
N GLY A 353 -4.06 -27.06 -6.92
CA GLY A 353 -3.28 -25.86 -6.81
C GLY A 353 -2.97 -25.51 -5.37
N PHE A 354 -1.93 -24.70 -5.17
CA PHE A 354 -1.53 -24.32 -3.82
C PHE A 354 -1.08 -22.85 -3.76
N VAL A 355 -1.86 -22.03 -3.07
CA VAL A 355 -1.52 -20.62 -2.90
C VAL A 355 -0.66 -20.68 -1.63
N SER A 356 0.65 -20.55 -1.82
CA SER A 356 1.61 -20.66 -0.73
C SER A 356 2.41 -19.41 -0.40
N HIS A 357 2.84 -19.30 0.87
CA HIS A 357 3.65 -18.16 1.31
C HIS A 357 5.10 -18.43 0.95
N CYS A 358 5.32 -19.56 0.29
CA CYS A 358 6.63 -19.97 -0.18
C CYS A 358 7.72 -20.24 0.83
N GLY A 359 7.33 -20.73 2.01
CA GLY A 359 8.30 -21.10 3.01
C GLY A 359 8.94 -22.31 2.32
N TRP A 360 10.21 -22.60 2.59
CA TRP A 360 10.88 -23.69 1.89
C TRP A 360 10.30 -25.08 2.13
N ASN A 361 9.89 -25.39 3.35
CA ASN A 361 9.30 -26.69 3.63
C ASN A 361 8.00 -26.86 2.83
N SER A 362 7.19 -25.80 2.77
CA SER A 362 5.95 -25.87 2.02
C SER A 362 6.23 -26.07 0.52
N ILE A 363 7.31 -25.46 0.02
CA ILE A 363 7.66 -25.61 -1.39
C ILE A 363 8.09 -27.05 -1.68
N LEU A 364 8.99 -27.58 -0.86
CA LEU A 364 9.46 -28.95 -1.05
C LEU A 364 8.29 -29.93 -1.03
N GLU A 365 7.38 -29.72 -0.10
CA GLU A 365 6.21 -30.57 0.01
C GLU A 365 5.35 -30.50 -1.25
N SER A 366 5.09 -29.29 -1.73
CA SER A 366 4.27 -29.15 -2.94
C SER A 366 4.98 -29.81 -4.14
N MET A 367 6.31 -29.72 -4.17
CA MET A 367 7.10 -30.32 -5.25
C MET A 367 7.02 -31.84 -5.22
N TRP A 368 7.15 -32.39 -4.01
CA TRP A 368 7.11 -33.83 -3.81
C TRP A 368 5.79 -34.43 -4.28
N PHE A 369 4.70 -33.66 -4.14
CA PHE A 369 3.39 -34.12 -4.56
C PHE A 369 2.96 -33.59 -5.92
N GLY A 370 3.83 -32.83 -6.56
CA GLY A 370 3.52 -32.29 -7.87
C GLY A 370 2.35 -31.33 -7.92
N VAL A 371 2.23 -30.48 -6.91
CA VAL A 371 1.14 -29.51 -6.87
C VAL A 371 1.68 -28.14 -7.27
N PRO A 372 1.04 -27.51 -8.28
CA PRO A 372 1.46 -26.19 -8.78
C PRO A 372 1.24 -25.12 -7.72
N ILE A 373 2.16 -24.16 -7.64
CA ILE A 373 2.06 -23.08 -6.66
C ILE A 373 1.81 -21.69 -7.25
N LEU A 374 0.91 -20.94 -6.62
CA LEU A 374 0.63 -19.55 -7.00
C LEU A 374 1.31 -18.82 -5.85
N THR A 375 2.40 -18.11 -6.14
CA THR A 375 3.17 -17.46 -5.10
C THR A 375 2.64 -16.23 -4.38
N TRP A 376 2.71 -16.28 -3.05
CA TRP A 376 2.31 -15.16 -2.22
C TRP A 376 3.27 -15.11 -1.01
N PRO A 377 4.54 -14.76 -1.25
CA PRO A 377 5.54 -14.69 -0.18
C PRO A 377 5.19 -13.61 0.85
N ILE A 378 5.73 -13.72 2.06
CA ILE A 378 5.45 -12.75 3.10
C ILE A 378 6.69 -12.31 3.90
N TYR A 379 7.41 -13.26 4.49
CA TYR A 379 8.58 -12.92 5.30
C TYR A 379 9.78 -13.84 5.03
N ALA A 380 10.83 -13.69 5.85
CA ALA A 380 12.04 -14.49 5.71
C ALA A 380 12.61 -14.42 4.30
N GLU A 381 12.95 -15.56 3.70
CA GLU A 381 13.48 -15.60 2.33
C GLU A 381 12.42 -16.03 1.34
N GLN A 382 11.15 -15.87 1.72
CA GLN A 382 10.07 -16.29 0.85
C GLN A 382 9.97 -15.57 -0.49
N GLN A 383 10.32 -14.28 -0.53
CA GLN A 383 10.26 -13.58 -1.81
C GLN A 383 11.31 -14.15 -2.77
N LEU A 384 12.49 -14.45 -2.23
CA LEU A 384 13.55 -15.02 -3.08
C LEU A 384 13.12 -16.40 -3.57
N ASN A 385 12.49 -17.19 -2.69
CA ASN A 385 12.02 -18.52 -3.09
C ASN A 385 10.97 -18.37 -4.18
N ALA A 386 10.05 -17.41 -4.00
CA ALA A 386 8.98 -17.20 -4.98
C ALA A 386 9.57 -16.80 -6.33
N PHE A 387 10.52 -15.88 -6.29
CA PHE A 387 11.20 -15.43 -7.50
C PHE A 387 11.76 -16.62 -8.29
N ARG A 388 12.54 -17.46 -7.62
CA ARG A 388 13.14 -18.60 -8.27
C ARG A 388 12.12 -19.64 -8.76
N LEU A 389 11.05 -19.86 -8.00
CA LEU A 389 10.03 -20.82 -8.43
C LEU A 389 9.44 -20.39 -9.76
N VAL A 390 9.22 -19.09 -9.90
CA VAL A 390 8.63 -18.52 -11.09
C VAL A 390 9.60 -18.26 -12.24
N LYS A 391 10.69 -17.55 -11.94
CA LYS A 391 11.67 -17.17 -12.95
C LYS A 391 12.83 -18.14 -13.25
N GLU A 392 13.18 -18.99 -12.28
CA GLU A 392 14.29 -19.91 -12.47
C GLU A 392 13.87 -21.34 -12.77
N TRP A 393 13.11 -21.95 -11.86
CA TRP A 393 12.67 -23.32 -12.07
C TRP A 393 11.42 -23.42 -12.94
N GLY A 394 10.72 -22.30 -13.10
CA GLY A 394 9.51 -22.29 -13.92
C GLY A 394 8.43 -23.26 -13.46
N VAL A 395 8.39 -23.56 -12.16
CA VAL A 395 7.38 -24.47 -11.66
C VAL A 395 6.21 -23.75 -11.01
N GLY A 396 6.37 -22.46 -10.72
CA GLY A 396 5.29 -21.73 -10.10
C GLY A 396 4.81 -20.56 -10.90
N LEU A 397 3.64 -20.05 -10.54
CA LEU A 397 3.07 -18.89 -11.20
C LEU A 397 3.10 -17.76 -10.19
N GLY A 398 3.32 -16.55 -10.66
CA GLY A 398 3.40 -15.44 -9.74
C GLY A 398 2.13 -14.63 -9.55
N LEU A 399 1.74 -14.46 -8.29
CA LEU A 399 0.60 -13.63 -7.96
C LEU A 399 1.34 -12.36 -7.56
N ARG A 400 2.30 -12.53 -6.66
CA ARG A 400 3.18 -11.49 -6.17
C ARG A 400 4.48 -12.21 -5.87
N VAL A 401 5.61 -11.60 -6.22
CA VAL A 401 6.87 -12.23 -5.93
C VAL A 401 7.63 -11.31 -4.98
N ASP A 402 7.13 -10.09 -4.84
CA ASP A 402 7.78 -9.09 -3.99
C ASP A 402 6.91 -8.62 -2.82
N TYR A 403 5.87 -9.38 -2.50
CA TYR A 403 4.98 -9.01 -1.40
C TYR A 403 5.70 -9.21 -0.07
N ARG A 404 5.48 -8.29 0.86
CA ARG A 404 6.06 -8.35 2.19
C ARG A 404 5.19 -7.51 3.12
N LYS A 405 5.46 -7.58 4.41
CA LYS A 405 4.70 -6.80 5.38
C LYS A 405 4.78 -5.35 4.96
N GLY A 406 3.63 -4.68 4.88
CA GLY A 406 3.61 -3.30 4.48
C GLY A 406 3.15 -3.12 3.04
N SER A 407 3.10 -4.20 2.28
CA SER A 407 2.66 -4.11 0.89
C SER A 407 1.16 -3.77 0.90
N ASP A 408 0.67 -3.23 -0.21
CA ASP A 408 -0.75 -2.86 -0.30
C ASP A 408 -1.63 -4.12 -0.41
N VAL A 409 -2.94 -3.95 -0.22
CA VAL A 409 -3.83 -5.10 -0.33
C VAL A 409 -3.85 -5.59 -1.78
N VAL A 410 -3.89 -6.91 -1.93
CA VAL A 410 -3.96 -7.54 -3.25
C VAL A 410 -5.46 -7.67 -3.50
N ALA A 411 -5.94 -7.05 -4.58
CA ALA A 411 -7.36 -7.05 -4.93
C ALA A 411 -7.93 -8.40 -5.40
N ALA A 412 -9.22 -8.60 -5.17
CA ALA A 412 -9.91 -9.83 -5.56
C ALA A 412 -9.75 -10.12 -7.06
N GLU A 413 -9.83 -9.08 -7.87
CA GLU A 413 -9.70 -9.24 -9.32
C GLU A 413 -8.35 -9.88 -9.69
N GLU A 414 -7.27 -9.39 -9.11
CA GLU A 414 -5.95 -9.94 -9.39
C GLU A 414 -5.81 -11.37 -8.85
N ILE A 415 -6.45 -11.63 -7.72
CA ILE A 415 -6.41 -12.96 -7.11
C ILE A 415 -7.18 -13.96 -7.99
N GLU A 416 -8.34 -13.52 -8.46
CA GLU A 416 -9.18 -14.35 -9.32
C GLU A 416 -8.42 -14.73 -10.59
N LYS A 417 -7.65 -13.78 -11.12
CA LYS A 417 -6.87 -14.03 -12.33
C LYS A 417 -5.77 -15.07 -12.08
N GLY A 418 -5.10 -14.96 -10.94
CA GLY A 418 -4.05 -15.91 -10.61
C GLY A 418 -4.61 -17.31 -10.42
N LEU A 419 -5.75 -17.40 -9.73
CA LEU A 419 -6.41 -18.67 -9.47
C LEU A 419 -6.77 -19.41 -10.77
N LYS A 420 -7.30 -18.66 -11.73
CA LYS A 420 -7.68 -19.24 -13.00
C LYS A 420 -6.46 -19.76 -13.77
N ASP A 421 -5.36 -19.01 -13.72
CA ASP A 421 -4.15 -19.46 -14.40
C ASP A 421 -3.56 -20.68 -13.68
N LEU A 422 -3.65 -20.67 -12.36
CA LEU A 422 -3.13 -21.77 -11.54
C LEU A 422 -3.88 -23.08 -11.81
N MET A 423 -5.20 -22.99 -11.87
CA MET A 423 -6.05 -24.14 -12.08
C MET A 423 -6.21 -24.55 -13.55
N ASP A 424 -5.49 -23.87 -14.42
CA ASP A 424 -5.57 -24.17 -15.85
C ASP A 424 -4.81 -25.46 -16.16
N LYS A 425 -5.53 -26.44 -16.69
CA LYS A 425 -4.94 -27.73 -17.03
C LYS A 425 -3.85 -27.58 -18.11
N ASP A 426 -3.97 -26.53 -18.93
CA ASP A 426 -3.00 -26.30 -19.98
C ASP A 426 -1.88 -25.33 -19.61
N SER A 427 -1.72 -25.10 -18.31
CA SER A 427 -0.66 -24.20 -17.84
C SER A 427 0.69 -24.82 -18.23
N ILE A 428 1.63 -23.98 -18.64
CA ILE A 428 2.96 -24.45 -19.05
C ILE A 428 3.76 -25.02 -17.88
N VAL A 429 3.52 -24.49 -16.68
CA VAL A 429 4.24 -24.96 -15.51
C VAL A 429 3.80 -26.38 -15.16
N HIS A 430 2.68 -26.81 -15.73
CA HIS A 430 2.16 -28.15 -15.47
C HIS A 430 3.19 -29.24 -15.79
N LYS A 431 3.76 -29.17 -16.99
CA LYS A 431 4.76 -30.15 -17.41
C LYS A 431 5.97 -30.08 -16.49
N LYS A 432 6.41 -28.87 -16.17
CA LYS A 432 7.57 -28.68 -15.31
C LYS A 432 7.34 -29.26 -13.91
N VAL A 433 6.14 -29.05 -13.38
CA VAL A 433 5.79 -29.55 -12.05
C VAL A 433 5.85 -31.07 -12.01
N GLN A 434 5.36 -31.71 -13.07
CA GLN A 434 5.36 -33.16 -13.14
C GLN A 434 6.79 -33.66 -13.16
N GLU A 435 7.64 -33.01 -13.94
CA GLU A 435 9.03 -33.39 -14.02
C GLU A 435 9.74 -33.16 -12.69
N MET A 436 9.39 -32.06 -12.01
CA MET A 436 10.01 -31.77 -10.72
C MET A 436 9.59 -32.79 -9.66
N LYS A 437 8.36 -33.30 -9.78
CA LYS A 437 7.90 -34.30 -8.83
C LYS A 437 8.79 -35.53 -8.98
N GLU A 438 8.98 -35.97 -10.22
CA GLU A 438 9.81 -37.14 -10.51
C GLU A 438 11.24 -36.95 -9.98
N MET A 439 11.81 -35.77 -10.20
CA MET A 439 13.19 -35.54 -9.76
C MET A 439 13.34 -35.54 -8.24
N SER A 440 12.37 -34.94 -7.53
CA SER A 440 12.45 -34.89 -6.08
C SER A 440 12.30 -36.30 -5.48
N ARG A 441 11.47 -37.13 -6.09
CA ARG A 441 11.27 -38.50 -5.61
C ARG A 441 12.51 -39.36 -5.84
N ASN A 442 13.12 -39.21 -7.01
CA ASN A 442 14.32 -39.99 -7.34
C ASN A 442 15.52 -39.64 -6.48
N ALA A 443 15.58 -38.39 -6.02
CA ALA A 443 16.71 -37.97 -5.19
C ALA A 443 16.90 -38.84 -3.96
N VAL A 444 15.80 -39.32 -3.39
CA VAL A 444 15.87 -40.11 -2.16
C VAL A 444 15.72 -41.63 -2.23
N VAL A 445 15.73 -42.20 -3.43
CA VAL A 445 15.64 -43.66 -3.55
C VAL A 445 17.07 -44.18 -3.51
N ASP A 446 17.23 -45.48 -3.28
CA ASP A 446 18.59 -46.04 -3.25
C ASP A 446 19.29 -45.68 -4.55
N GLY A 447 20.54 -45.24 -4.44
CA GLY A 447 21.30 -44.87 -5.62
C GLY A 447 20.99 -43.47 -6.12
N GLY A 448 20.08 -42.78 -5.43
CA GLY A 448 19.71 -41.42 -5.83
C GLY A 448 20.76 -40.45 -5.31
N SER A 449 20.78 -39.23 -5.86
CA SER A 449 21.77 -38.24 -5.44
C SER A 449 21.84 -37.95 -3.95
N SER A 450 20.70 -37.83 -3.29
CA SER A 450 20.73 -37.52 -1.87
C SER A 450 21.23 -38.63 -0.95
N LEU A 451 20.94 -39.87 -1.30
CA LEU A 451 21.42 -40.98 -0.47
C LEU A 451 22.91 -41.19 -0.67
N ILE A 452 23.39 -40.95 -1.88
CA ILE A 452 24.83 -41.09 -2.14
C ILE A 452 25.52 -39.98 -1.34
N SER A 453 24.89 -38.82 -1.29
CA SER A 453 25.42 -37.68 -0.56
C SER A 453 25.45 -37.94 0.96
N VAL A 454 24.37 -38.52 1.49
CA VAL A 454 24.31 -38.78 2.92
C VAL A 454 25.35 -39.81 3.33
N GLY A 455 25.62 -40.76 2.43
CA GLY A 455 26.61 -41.78 2.72
C GLY A 455 27.99 -41.15 2.87
N LYS A 456 28.32 -40.25 1.95
CA LYS A 456 29.61 -39.58 1.96
C LYS A 456 29.70 -38.62 3.14
N LEU A 457 28.59 -38.01 3.49
CA LEU A 457 28.55 -37.09 4.63
C LEU A 457 28.83 -37.87 5.91
N ILE A 458 28.19 -39.02 6.07
CA ILE A 458 28.39 -39.83 7.26
C ILE A 458 29.85 -40.30 7.34
N ASP A 459 30.42 -40.63 6.19
CA ASP A 459 31.81 -41.07 6.13
C ASP A 459 32.71 -39.91 6.56
N ASP A 460 32.41 -38.71 6.06
CA ASP A 460 33.21 -37.55 6.43
C ASP A 460 33.07 -37.21 7.91
N ILE A 461 31.85 -37.36 8.44
CA ILE A 461 31.60 -37.05 9.84
C ILE A 461 32.32 -38.00 10.81
N THR A 462 32.19 -39.29 10.57
CA THR A 462 32.76 -40.31 11.43
C THR A 462 34.19 -40.76 11.14
N GLY A 463 34.77 -40.29 10.04
CA GLY A 463 36.12 -40.69 9.71
C GLY A 463 37.18 -40.05 10.60
N LYS B 8 -17.47 56.34 -18.46
CA LYS B 8 -16.34 55.98 -17.55
C LYS B 8 -16.11 54.47 -17.54
N ASN B 9 -16.30 53.85 -18.69
CA ASN B 9 -16.15 52.40 -18.81
C ASN B 9 -14.72 51.92 -18.64
N SER B 10 -14.59 50.75 -18.01
CA SER B 10 -13.31 50.10 -17.79
C SER B 10 -13.49 48.67 -18.28
N GLU B 11 -12.43 48.06 -18.81
CA GLU B 11 -12.56 46.69 -19.28
C GLU B 11 -11.49 45.78 -18.69
N LEU B 12 -11.92 44.63 -18.17
CA LEU B 12 -11.00 43.65 -17.61
C LEU B 12 -11.09 42.39 -18.45
N ILE B 13 -9.95 41.75 -18.68
CA ILE B 13 -9.91 40.52 -19.44
C ILE B 13 -9.64 39.38 -18.45
N PHE B 14 -10.55 38.42 -18.40
CA PHE B 14 -10.45 37.26 -17.51
C PHE B 14 -9.94 36.06 -18.30
N ILE B 15 -8.90 35.40 -17.80
CA ILE B 15 -8.39 34.21 -18.45
C ILE B 15 -8.32 33.06 -17.43
N PRO B 16 -9.43 32.37 -17.22
CA PRO B 16 -9.48 31.26 -16.27
C PRO B 16 -8.79 30.02 -16.85
N ALA B 17 -8.54 29.04 -15.99
CA ALA B 17 -7.90 27.80 -16.44
C ALA B 17 -8.95 27.01 -17.21
N PRO B 18 -8.52 26.18 -18.18
CA PRO B 18 -9.43 25.36 -19.00
C PRO B 18 -10.37 24.47 -18.19
N GLY B 19 -11.60 24.34 -18.65
CA GLY B 19 -12.57 23.50 -17.95
C GLY B 19 -13.70 24.31 -17.31
N ILE B 20 -14.88 23.71 -17.20
CA ILE B 20 -16.03 24.39 -16.61
C ILE B 20 -15.89 24.65 -15.12
N GLY B 21 -15.08 23.83 -14.44
CA GLY B 21 -14.88 24.04 -13.02
C GLY B 21 -14.33 25.43 -12.76
N HIS B 22 -13.37 25.82 -13.60
CA HIS B 22 -12.74 27.13 -13.49
C HIS B 22 -13.58 28.21 -14.15
N LEU B 23 -14.21 27.86 -15.27
CA LEU B 23 -15.03 28.82 -15.98
C LEU B 23 -16.17 29.28 -15.06
N ALA B 24 -16.64 28.38 -14.23
CA ALA B 24 -17.73 28.69 -13.30
C ALA B 24 -17.27 29.67 -12.22
N SER B 25 -16.16 29.34 -11.56
CA SER B 25 -15.62 30.19 -10.50
C SER B 25 -15.32 31.60 -11.00
N ALA B 26 -14.81 31.68 -12.22
CA ALA B 26 -14.47 32.95 -12.84
C ALA B 26 -15.71 33.77 -13.15
N LEU B 27 -16.78 33.11 -13.57
CA LEU B 27 -18.02 33.80 -13.88
C LEU B 27 -18.71 34.36 -12.64
N GLU B 28 -18.66 33.64 -11.53
CA GLU B 28 -19.28 34.13 -10.30
C GLU B 28 -18.51 35.36 -9.87
N PHE B 29 -17.21 35.36 -10.08
CA PHE B 29 -16.39 36.51 -9.71
C PHE B 29 -16.68 37.69 -10.65
N ALA B 30 -16.85 37.40 -11.93
CA ALA B 30 -17.16 38.44 -12.90
C ALA B 30 -18.48 39.10 -12.52
N LYS B 31 -19.44 38.28 -12.09
CA LYS B 31 -20.76 38.78 -11.68
C LYS B 31 -20.63 39.67 -10.45
N LEU B 32 -19.81 39.23 -9.49
CA LEU B 32 -19.62 39.99 -8.27
C LEU B 32 -19.04 41.38 -8.57
N LEU B 33 -18.04 41.45 -9.44
CA LEU B 33 -17.44 42.73 -9.79
C LEU B 33 -18.35 43.63 -10.59
N THR B 34 -18.97 43.09 -11.64
CA THR B 34 -19.85 43.93 -12.46
C THR B 34 -21.05 44.40 -11.64
N ASN B 35 -21.49 43.59 -10.69
CA ASN B 35 -22.62 43.99 -9.85
C ASN B 35 -22.26 45.23 -9.03
N HIS B 36 -20.96 45.46 -8.81
CA HIS B 36 -20.53 46.60 -8.01
C HIS B 36 -19.87 47.76 -8.74
N ASP B 37 -20.04 47.79 -10.05
CA ASP B 37 -19.51 48.88 -10.88
C ASP B 37 -20.23 48.76 -12.20
N LYS B 38 -21.26 49.58 -12.36
CA LYS B 38 -22.07 49.60 -13.57
C LYS B 38 -21.27 49.94 -14.82
N ASN B 39 -20.10 50.56 -14.65
CA ASN B 39 -19.28 50.93 -15.81
C ASN B 39 -18.12 49.97 -16.06
N LEU B 40 -18.12 48.84 -15.34
CA LEU B 40 -17.06 47.86 -15.51
C LEU B 40 -17.51 46.71 -16.42
N TYR B 41 -16.74 46.46 -17.48
CA TYR B 41 -17.07 45.38 -18.40
C TYR B 41 -16.00 44.32 -18.34
N ILE B 42 -16.42 43.07 -18.48
CA ILE B 42 -15.49 41.96 -18.42
C ILE B 42 -15.58 41.07 -19.65
N THR B 43 -14.41 40.70 -20.18
CA THR B 43 -14.32 39.81 -21.31
C THR B 43 -13.62 38.56 -20.79
N VAL B 44 -14.29 37.42 -20.91
CA VAL B 44 -13.73 36.17 -20.45
C VAL B 44 -13.25 35.31 -21.62
N PHE B 45 -11.96 35.00 -21.63
CA PHE B 45 -11.38 34.18 -22.67
C PHE B 45 -11.66 32.72 -22.32
N CYS B 46 -12.30 31.99 -23.22
CA CYS B 46 -12.60 30.58 -22.97
C CYS B 46 -11.64 29.65 -23.70
N ILE B 47 -10.93 28.84 -22.92
CA ILE B 47 -9.96 27.88 -23.44
C ILE B 47 -10.51 26.48 -23.20
N LYS B 48 -10.72 25.72 -24.26
CA LYS B 48 -11.24 24.36 -24.13
C LYS B 48 -10.15 23.35 -23.78
N PHE B 49 -10.34 22.66 -22.66
CA PHE B 49 -9.39 21.65 -22.21
C PHE B 49 -9.22 20.56 -23.25
N PRO B 50 -7.98 20.12 -23.49
CA PRO B 50 -7.65 19.07 -24.48
C PRO B 50 -8.61 17.87 -24.47
N GLY B 51 -9.48 17.81 -25.46
CA GLY B 51 -10.42 16.70 -25.55
C GLY B 51 -11.84 16.99 -25.13
N MET B 52 -12.08 16.98 -23.83
CA MET B 52 -13.41 17.23 -23.26
C MET B 52 -14.18 18.36 -23.94
N PRO B 53 -15.48 18.15 -24.17
CA PRO B 53 -16.36 19.13 -24.82
C PRO B 53 -16.56 20.38 -23.96
N PHE B 54 -17.72 20.46 -23.30
CA PHE B 54 -18.04 21.60 -22.44
C PHE B 54 -17.92 22.92 -23.19
N ALA B 55 -18.07 22.87 -24.51
CA ALA B 55 -17.98 24.04 -25.37
C ALA B 55 -18.59 25.30 -24.76
N ASP B 56 -19.88 25.50 -25.01
CA ASP B 56 -20.58 26.67 -24.48
C ASP B 56 -21.92 26.29 -23.86
N SER B 57 -22.01 25.06 -23.37
CA SER B 57 -23.23 24.57 -22.76
C SER B 57 -23.44 25.21 -21.39
N TYR B 58 -22.43 25.10 -20.54
CA TYR B 58 -22.50 25.67 -19.19
C TYR B 58 -22.32 27.19 -19.25
N ILE B 59 -21.69 27.66 -20.31
CA ILE B 59 -21.45 29.08 -20.51
C ILE B 59 -22.75 29.87 -20.46
N LYS B 60 -23.50 29.85 -21.55
CA LYS B 60 -24.77 30.58 -21.60
C LYS B 60 -25.70 30.09 -20.49
N SER B 61 -25.48 28.86 -20.04
CA SER B 61 -26.29 28.27 -18.98
C SER B 61 -26.33 29.19 -17.76
N VAL B 62 -25.15 29.55 -17.26
CA VAL B 62 -25.05 30.43 -16.11
C VAL B 62 -24.70 31.86 -16.51
N LEU B 63 -24.99 32.20 -17.77
CA LEU B 63 -24.72 33.53 -18.28
C LEU B 63 -25.69 34.53 -17.69
N ALA B 64 -26.98 34.18 -17.73
CA ALA B 64 -28.03 35.05 -17.21
C ALA B 64 -28.00 36.34 -18.01
N SER B 65 -27.51 36.24 -19.24
CA SER B 65 -27.39 37.38 -20.15
C SER B 65 -26.94 38.62 -19.39
N GLN B 66 -25.70 38.59 -18.94
CA GLN B 66 -25.11 39.71 -18.22
C GLN B 66 -24.55 40.67 -19.27
N PRO B 67 -25.14 41.87 -19.40
CA PRO B 67 -24.68 42.86 -20.39
C PRO B 67 -23.22 43.27 -20.23
N GLN B 68 -22.73 43.28 -18.99
CA GLN B 68 -21.36 43.68 -18.69
C GLN B 68 -20.34 42.55 -18.80
N ILE B 69 -20.79 41.37 -19.20
CA ILE B 69 -19.88 40.24 -19.34
C ILE B 69 -20.00 39.61 -20.72
N GLN B 70 -18.87 39.43 -21.36
CA GLN B 70 -18.80 38.85 -22.70
C GLN B 70 -17.85 37.66 -22.69
N LEU B 71 -18.15 36.66 -23.50
CA LEU B 71 -17.31 35.46 -23.59
C LEU B 71 -16.70 35.39 -24.99
N ILE B 72 -15.42 35.02 -25.06
CA ILE B 72 -14.71 34.90 -26.33
C ILE B 72 -14.00 33.53 -26.36
N ASP B 73 -14.31 32.71 -27.37
CA ASP B 73 -13.69 31.40 -27.49
C ASP B 73 -12.40 31.51 -28.31
N LEU B 74 -11.29 31.05 -27.73
CA LEU B 74 -10.04 31.09 -28.46
C LEU B 74 -9.93 29.80 -29.26
N PRO B 75 -9.35 29.87 -30.47
CA PRO B 75 -9.22 28.66 -31.29
C PRO B 75 -8.51 27.57 -30.50
N GLU B 76 -8.80 26.31 -30.80
CA GLU B 76 -8.16 25.20 -30.11
C GLU B 76 -6.83 24.87 -30.78
N VAL B 77 -5.88 24.39 -29.99
CA VAL B 77 -4.57 24.04 -30.51
C VAL B 77 -4.20 22.61 -30.12
N GLU B 78 -3.29 22.00 -30.87
CA GLU B 78 -2.84 20.64 -30.58
C GLU B 78 -2.39 20.55 -29.13
N PRO B 79 -2.97 19.61 -28.36
CA PRO B 79 -2.60 19.47 -26.95
C PRO B 79 -1.20 18.88 -26.84
N PRO B 80 -0.55 19.05 -25.68
CA PRO B 80 0.81 18.51 -25.50
C PRO B 80 0.80 16.98 -25.57
N PRO B 81 1.98 16.35 -25.70
CA PRO B 81 2.05 14.90 -25.77
C PRO B 81 1.55 14.22 -24.49
N GLN B 82 0.83 13.12 -24.66
CA GLN B 82 0.26 12.36 -23.54
C GLN B 82 1.32 11.95 -22.53
N GLU B 83 2.56 11.83 -22.98
CA GLU B 83 3.65 11.43 -22.11
C GLU B 83 3.79 12.37 -20.92
N LEU B 84 3.42 13.62 -21.12
CA LEU B 84 3.52 14.63 -20.06
C LEU B 84 2.49 14.45 -18.96
N LEU B 85 1.51 13.58 -19.18
CA LEU B 85 0.48 13.34 -18.18
C LEU B 85 1.03 12.75 -16.89
N LYS B 86 2.32 12.44 -16.89
CA LYS B 86 2.96 11.89 -15.70
C LYS B 86 2.87 12.95 -14.60
N SER B 87 2.57 14.17 -15.02
CA SER B 87 2.42 15.31 -14.12
C SER B 87 1.28 16.18 -14.66
N PRO B 88 0.10 16.09 -14.03
CA PRO B 88 -1.05 16.89 -14.49
C PRO B 88 -0.68 18.36 -14.56
N GLU B 89 -0.05 18.86 -13.51
CA GLU B 89 0.34 20.26 -13.45
C GLU B 89 1.23 20.67 -14.63
N PHE B 90 2.28 19.90 -14.90
CA PHE B 90 3.18 20.24 -16.00
C PHE B 90 2.48 20.18 -17.36
N TYR B 91 1.55 19.24 -17.47
CA TYR B 91 0.77 19.06 -18.70
C TYR B 91 -0.05 20.32 -18.96
N ILE B 92 -0.80 20.74 -17.93
CA ILE B 92 -1.66 21.92 -18.01
C ILE B 92 -0.85 23.18 -18.30
N LEU B 93 0.28 23.31 -17.62
CA LEU B 93 1.16 24.48 -17.80
C LEU B 93 1.63 24.55 -19.25
N THR B 94 2.09 23.41 -19.77
CA THR B 94 2.58 23.33 -21.15
C THR B 94 1.47 23.72 -22.13
N PHE B 95 0.28 23.20 -21.89
CA PHE B 95 -0.87 23.49 -22.72
C PHE B 95 -1.13 24.99 -22.78
N LEU B 96 -1.31 25.59 -21.61
CA LEU B 96 -1.58 27.03 -21.55
C LEU B 96 -0.47 27.86 -22.19
N GLU B 97 0.78 27.46 -22.01
CA GLU B 97 1.86 28.22 -22.62
C GLU B 97 1.79 28.18 -24.14
N SER B 98 1.30 27.07 -24.68
CA SER B 98 1.17 26.96 -26.14
C SER B 98 0.03 27.85 -26.63
N LEU B 99 -0.75 28.39 -25.70
CA LEU B 99 -1.87 29.27 -26.04
C LEU B 99 -1.49 30.77 -26.04
N ILE B 100 -0.24 31.07 -25.67
CA ILE B 100 0.21 32.47 -25.61
C ILE B 100 -0.05 33.24 -26.90
N PRO B 101 0.40 32.72 -28.06
CA PRO B 101 0.17 33.41 -29.32
C PRO B 101 -1.29 33.80 -29.52
N HIS B 102 -2.20 32.85 -29.29
CA HIS B 102 -3.62 33.14 -29.44
C HIS B 102 -4.09 34.16 -28.41
N VAL B 103 -3.62 34.02 -27.17
CA VAL B 103 -4.02 34.96 -26.13
C VAL B 103 -3.55 36.36 -26.50
N LYS B 104 -2.30 36.46 -26.97
CA LYS B 104 -1.74 37.73 -27.34
C LYS B 104 -2.51 38.38 -28.49
N ALA B 105 -2.80 37.57 -29.51
CA ALA B 105 -3.53 38.06 -30.67
C ALA B 105 -4.93 38.52 -30.31
N THR B 106 -5.60 37.77 -29.42
CA THR B 106 -6.96 38.15 -29.02
C THR B 106 -6.95 39.47 -28.25
N ILE B 107 -5.97 39.64 -27.36
CA ILE B 107 -5.88 40.88 -26.60
C ILE B 107 -5.65 42.05 -27.55
N LYS B 108 -4.74 41.89 -28.49
CA LYS B 108 -4.47 42.96 -29.45
C LYS B 108 -5.70 43.33 -30.26
N THR B 109 -6.54 42.35 -30.58
CA THR B 109 -7.75 42.60 -31.36
C THR B 109 -8.82 43.40 -30.61
N ILE B 110 -8.87 43.23 -29.29
CA ILE B 110 -9.88 43.95 -28.51
C ILE B 110 -9.28 45.05 -27.64
N LEU B 111 -7.98 45.26 -27.78
CA LEU B 111 -7.28 46.27 -27.00
C LEU B 111 -7.85 47.67 -27.27
N SER B 112 -7.97 48.45 -26.20
CA SER B 112 -8.45 49.82 -26.27
C SER B 112 -7.92 50.50 -25.02
N ASN B 113 -8.04 51.82 -24.98
CA ASN B 113 -7.57 52.58 -23.82
C ASN B 113 -8.38 52.20 -22.57
N LYS B 114 -9.49 51.49 -22.77
CA LYS B 114 -10.33 51.10 -21.64
C LYS B 114 -9.89 49.86 -20.87
N VAL B 115 -9.08 49.01 -21.50
CA VAL B 115 -8.60 47.80 -20.84
C VAL B 115 -7.72 48.18 -19.66
N VAL B 116 -8.14 47.82 -18.46
CA VAL B 116 -7.39 48.17 -17.26
C VAL B 116 -6.63 47.02 -16.62
N GLY B 117 -6.76 45.82 -17.16
CA GLY B 117 -6.03 44.72 -16.57
C GLY B 117 -6.43 43.33 -16.99
N LEU B 118 -5.59 42.37 -16.62
CA LEU B 118 -5.84 40.97 -16.89
C LEU B 118 -6.01 40.29 -15.55
N VAL B 119 -6.96 39.37 -15.47
CA VAL B 119 -7.17 38.60 -14.25
C VAL B 119 -6.84 37.17 -14.66
N LEU B 120 -5.76 36.64 -14.10
CA LEU B 120 -5.28 35.32 -14.45
C LEU B 120 -5.44 34.23 -13.41
N ASP B 121 -5.88 33.05 -13.83
CA ASP B 121 -6.00 31.92 -12.91
C ASP B 121 -4.56 31.51 -12.58
N PHE B 122 -4.40 30.75 -11.51
CA PHE B 122 -3.10 30.26 -11.06
C PHE B 122 -2.26 29.66 -12.20
N PHE B 123 -2.87 28.75 -12.98
CA PHE B 123 -2.18 28.10 -14.08
C PHE B 123 -1.90 29.00 -15.28
N CYS B 124 -2.49 30.19 -15.27
CA CYS B 124 -2.31 31.12 -16.38
C CYS B 124 -1.43 32.30 -16.01
N VAL B 125 -0.81 32.28 -14.84
CA VAL B 125 -0.02 33.42 -14.41
C VAL B 125 1.18 33.74 -15.31
N SER B 126 1.68 32.76 -16.05
CA SER B 126 2.82 33.02 -16.91
C SER B 126 2.41 33.99 -18.05
N MET B 127 1.11 34.20 -18.20
CA MET B 127 0.58 35.11 -19.21
C MET B 127 0.80 36.57 -18.83
N ILE B 128 1.37 36.77 -17.64
CA ILE B 128 1.65 38.11 -17.15
C ILE B 128 2.60 38.79 -18.15
N ASP B 129 3.42 38.00 -18.82
CA ASP B 129 4.35 38.57 -19.80
C ASP B 129 3.59 39.14 -20.99
N VAL B 130 2.45 38.54 -21.32
CA VAL B 130 1.64 39.03 -22.43
C VAL B 130 1.04 40.36 -22.03
N GLY B 131 0.51 40.43 -20.81
CA GLY B 131 -0.06 41.67 -20.33
C GLY B 131 1.02 42.73 -20.31
N ASN B 132 2.22 42.36 -19.89
CA ASN B 132 3.34 43.31 -19.84
C ASN B 132 3.61 43.95 -21.20
N GLU B 133 3.50 43.16 -22.27
CA GLU B 133 3.74 43.66 -23.61
C GLU B 133 2.81 44.82 -24.01
N PHE B 134 1.56 44.77 -23.56
CA PHE B 134 0.59 45.81 -23.85
C PHE B 134 0.52 46.88 -22.76
N GLY B 135 1.37 46.75 -21.74
CA GLY B 135 1.35 47.72 -20.67
C GLY B 135 0.12 47.53 -19.78
N ILE B 136 -0.42 46.31 -19.78
CA ILE B 136 -1.60 45.97 -18.98
C ILE B 136 -1.21 45.25 -17.70
N PRO B 137 -1.71 45.72 -16.54
CA PRO B 137 -1.39 45.09 -15.26
C PRO B 137 -2.07 43.73 -15.12
N SER B 138 -1.44 42.80 -14.40
CA SER B 138 -2.04 41.50 -14.21
C SER B 138 -2.37 41.23 -12.73
N TYR B 139 -3.55 40.66 -12.51
CA TYR B 139 -4.02 40.28 -11.18
C TYR B 139 -4.09 38.77 -11.14
N LEU B 140 -3.68 38.19 -10.00
CA LEU B 140 -3.74 36.74 -9.85
C LEU B 140 -5.09 36.42 -9.23
N PHE B 141 -5.78 35.41 -9.77
CA PHE B 141 -7.07 34.98 -9.22
C PHE B 141 -6.91 33.55 -8.76
N LEU B 142 -6.92 33.36 -7.43
CA LEU B 142 -6.78 32.03 -6.84
C LEU B 142 -8.13 31.46 -6.43
N THR B 143 -8.47 30.32 -7.01
CA THR B 143 -9.72 29.65 -6.68
C THR B 143 -9.52 28.83 -5.41
N SER B 144 -8.30 28.84 -4.90
CA SER B 144 -7.95 28.13 -3.67
C SER B 144 -7.91 29.13 -2.49
N ASN B 145 -7.17 28.79 -1.44
CA ASN B 145 -7.11 29.64 -0.25
C ASN B 145 -5.74 30.26 0.07
N VAL B 146 -5.68 31.06 1.13
CA VAL B 146 -4.43 31.72 1.50
C VAL B 146 -3.37 30.73 1.96
N GLY B 147 -3.80 29.53 2.36
CA GLY B 147 -2.85 28.52 2.78
C GLY B 147 -2.07 28.05 1.55
N PHE B 148 -2.77 27.90 0.43
CA PHE B 148 -2.13 27.47 -0.79
C PHE B 148 -1.23 28.60 -1.29
N LEU B 149 -1.68 29.83 -1.09
CA LEU B 149 -0.92 31.00 -1.50
C LEU B 149 0.39 31.04 -0.74
N SER B 150 0.29 30.76 0.56
CA SER B 150 1.46 30.75 1.44
C SER B 150 2.46 29.72 0.99
N LEU B 151 1.99 28.50 0.73
CA LEU B 151 2.87 27.44 0.26
C LEU B 151 3.57 27.87 -1.03
N MET B 152 2.80 28.36 -2.01
CA MET B 152 3.40 28.80 -3.27
C MET B 152 4.47 29.86 -3.03
N LEU B 153 4.14 30.88 -2.25
CA LEU B 153 5.11 31.95 -1.98
C LEU B 153 6.38 31.49 -1.27
N SER B 154 6.30 30.36 -0.57
CA SER B 154 7.46 29.85 0.16
C SER B 154 8.42 29.04 -0.71
N LEU B 155 8.00 28.69 -1.92
CA LEU B 155 8.85 27.92 -2.80
C LEU B 155 10.13 28.64 -3.16
N LYS B 156 10.10 29.96 -3.03
CA LYS B 156 11.26 30.80 -3.33
C LYS B 156 12.45 30.47 -2.44
N ASN B 157 12.21 29.81 -1.30
CA ASN B 157 13.30 29.46 -0.39
C ASN B 157 13.97 28.15 -0.77
N ARG B 158 13.69 27.69 -1.99
CA ARG B 158 14.27 26.45 -2.51
C ARG B 158 14.83 26.70 -3.91
N GLN B 159 15.40 25.65 -4.51
CA GLN B 159 15.96 25.77 -5.85
C GLN B 159 14.90 25.32 -6.87
N ILE B 160 15.28 25.27 -8.14
CA ILE B 160 14.35 24.87 -9.19
C ILE B 160 14.33 23.35 -9.40
N GLU B 161 15.33 22.66 -8.85
CA GLU B 161 15.40 21.20 -8.98
C GLU B 161 15.25 20.54 -7.61
N GLU B 162 15.00 21.35 -6.59
CA GLU B 162 14.83 20.85 -5.22
C GLU B 162 13.41 20.34 -5.03
N VAL B 163 13.14 19.13 -5.53
CA VAL B 163 11.82 18.52 -5.42
C VAL B 163 11.59 17.95 -4.03
N PHE B 164 11.53 18.83 -3.03
CA PHE B 164 11.31 18.47 -1.64
C PHE B 164 11.94 17.17 -1.15
N ASP B 165 13.24 17.23 -0.84
CA ASP B 165 14.02 16.11 -0.34
C ASP B 165 13.73 14.76 -0.99
N ASP B 166 13.23 14.77 -2.21
CA ASP B 166 12.90 13.53 -2.92
C ASP B 166 11.84 12.71 -2.20
N SER B 167 10.68 13.32 -1.96
CA SER B 167 9.57 12.65 -1.28
C SER B 167 10.01 12.00 0.03
N ASP B 168 11.11 12.48 0.61
CA ASP B 168 11.62 11.95 1.87
C ASP B 168 10.73 12.50 2.98
N ARG B 169 9.43 12.44 2.76
CA ARG B 169 8.44 12.93 3.70
C ARG B 169 7.77 11.85 4.53
N ASP B 170 7.86 12.00 5.85
CA ASP B 170 7.26 11.07 6.79
C ASP B 170 7.07 11.77 8.13
N HIS B 171 8.11 12.48 8.56
CA HIS B 171 8.07 13.21 9.83
C HIS B 171 8.52 14.64 9.59
N GLN B 172 9.17 14.86 8.45
CA GLN B 172 9.66 16.19 8.07
C GLN B 172 8.59 17.26 8.23
N LEU B 173 8.83 18.22 9.10
CA LEU B 173 7.90 19.32 9.33
C LEU B 173 8.43 20.57 8.64
N LEU B 174 7.52 21.39 8.12
CA LEU B 174 7.92 22.60 7.43
C LEU B 174 7.32 23.85 8.04
N ASN B 175 8.10 24.94 8.04
CA ASN B 175 7.61 26.19 8.57
C ASN B 175 7.31 27.07 7.38
N ILE B 176 6.04 27.32 7.13
CA ILE B 176 5.67 28.15 6.00
C ILE B 176 4.93 29.40 6.46
N PRO B 177 5.49 30.57 6.13
CA PRO B 177 4.89 31.85 6.50
C PRO B 177 3.47 31.91 5.96
N GLY B 178 2.52 32.29 6.80
CA GLY B 178 1.14 32.36 6.38
C GLY B 178 0.34 31.24 7.02
N ILE B 179 1.01 30.15 7.39
CA ILE B 179 0.34 29.03 8.03
C ILE B 179 0.91 28.87 9.44
N SER B 180 0.06 29.08 10.43
CA SER B 180 0.44 29.02 11.85
C SER B 180 1.10 27.71 12.29
N ASN B 181 0.44 26.59 12.03
CA ASN B 181 0.96 25.30 12.43
C ASN B 181 2.14 24.88 11.55
N GLN B 182 3.10 24.16 12.13
CA GLN B 182 4.21 23.67 11.34
C GLN B 182 3.49 22.68 10.42
N VAL B 183 3.82 22.71 9.14
CA VAL B 183 3.13 21.84 8.20
C VAL B 183 3.82 20.51 7.93
N PRO B 184 3.09 19.40 8.14
CA PRO B 184 3.64 18.07 7.90
C PRO B 184 3.94 17.95 6.40
N SER B 185 5.11 17.39 6.11
CA SER B 185 5.52 17.21 4.73
C SER B 185 4.58 16.28 3.98
N ASN B 186 3.89 15.39 4.70
CA ASN B 186 2.98 14.45 4.06
C ASN B 186 1.62 15.01 3.64
N VAL B 187 1.39 16.30 3.87
CA VAL B 187 0.14 16.92 3.46
C VAL B 187 0.40 17.92 2.35
N LEU B 188 1.58 17.84 1.74
CA LEU B 188 1.92 18.74 0.64
C LEU B 188 1.31 18.18 -0.65
N PRO B 189 1.05 19.05 -1.63
CA PRO B 189 0.47 18.60 -2.91
C PRO B 189 1.40 17.63 -3.64
N ASP B 190 0.82 16.70 -4.41
CA ASP B 190 1.61 15.75 -5.18
C ASP B 190 2.68 16.47 -6.01
N ALA B 191 2.30 17.59 -6.62
CA ALA B 191 3.22 18.34 -7.47
C ALA B 191 4.54 18.70 -6.80
N CYS B 192 4.49 18.95 -5.50
CA CYS B 192 5.70 19.32 -4.77
C CYS B 192 6.76 18.22 -4.77
N PHE B 193 6.31 16.96 -4.88
CA PHE B 193 7.22 15.82 -4.88
C PHE B 193 7.44 15.26 -6.29
N ASN B 194 6.60 15.69 -7.23
CA ASN B 194 6.70 15.19 -8.60
C ASN B 194 7.98 15.66 -9.29
N LYS B 195 8.84 14.70 -9.63
CA LYS B 195 10.09 15.04 -10.32
C LYS B 195 9.90 15.00 -11.82
N ASP B 196 8.67 14.72 -12.26
CA ASP B 196 8.34 14.66 -13.68
C ASP B 196 7.73 15.96 -14.20
N GLY B 197 8.03 17.07 -13.53
CA GLY B 197 7.51 18.35 -13.98
C GLY B 197 6.58 19.05 -13.02
N GLY B 198 6.05 18.31 -12.06
CA GLY B 198 5.14 18.90 -11.08
C GLY B 198 5.74 20.05 -10.29
N TYR B 199 6.88 19.81 -9.65
CA TYR B 199 7.53 20.84 -8.85
C TYR B 199 7.96 22.02 -9.72
N ILE B 200 8.42 21.72 -10.93
CA ILE B 200 8.84 22.77 -11.86
C ILE B 200 7.68 23.68 -12.22
N ALA B 201 6.53 23.07 -12.47
CA ALA B 201 5.33 23.82 -12.84
C ALA B 201 4.96 24.77 -11.69
N TYR B 202 4.86 24.23 -10.48
CA TYR B 202 4.53 25.04 -9.31
C TYR B 202 5.55 26.17 -9.12
N TYR B 203 6.83 25.82 -9.24
CA TYR B 203 7.90 26.79 -9.08
C TYR B 203 7.81 27.92 -10.11
N LYS B 204 7.62 27.55 -11.38
CA LYS B 204 7.52 28.53 -12.46
C LYS B 204 6.36 29.52 -12.25
N LEU B 205 5.22 29.02 -11.81
CA LEU B 205 4.06 29.88 -11.59
C LEU B 205 4.21 30.76 -10.35
N ALA B 206 4.60 30.16 -9.23
CA ALA B 206 4.78 30.87 -7.97
C ALA B 206 5.79 32.00 -8.09
N GLU B 207 6.80 31.76 -8.91
CA GLU B 207 7.88 32.72 -9.16
C GLU B 207 7.36 34.07 -9.68
N ARG B 208 6.14 34.08 -10.22
CA ARG B 208 5.54 35.30 -10.76
C ARG B 208 4.44 35.92 -9.87
N PHE B 209 4.10 35.25 -8.77
CA PHE B 209 3.06 35.77 -7.87
C PHE B 209 3.28 37.20 -7.39
N ARG B 210 4.50 37.51 -6.96
CA ARG B 210 4.83 38.84 -6.47
C ARG B 210 4.90 39.90 -7.57
N ASP B 211 4.79 39.49 -8.83
CA ASP B 211 4.84 40.45 -9.93
C ASP B 211 3.46 40.95 -10.31
N THR B 212 2.41 40.34 -9.75
CA THR B 212 1.06 40.76 -10.06
C THR B 212 0.72 42.04 -9.29
N LYS B 213 -0.25 42.79 -9.79
CA LYS B 213 -0.67 44.03 -9.17
C LYS B 213 -1.46 43.78 -7.89
N GLY B 214 -2.07 42.61 -7.81
CA GLY B 214 -2.86 42.25 -6.64
C GLY B 214 -3.23 40.78 -6.73
N ILE B 215 -3.43 40.16 -5.57
CA ILE B 215 -3.79 38.75 -5.51
C ILE B 215 -5.19 38.60 -4.94
N ILE B 216 -6.10 38.06 -5.75
CA ILE B 216 -7.50 37.87 -5.37
C ILE B 216 -7.71 36.42 -4.96
N VAL B 217 -8.31 36.22 -3.79
CA VAL B 217 -8.52 34.87 -3.27
C VAL B 217 -9.95 34.54 -2.90
N ASN B 218 -10.37 33.32 -3.24
CA ASN B 218 -11.72 32.86 -2.92
C ASN B 218 -11.75 32.40 -1.46
N THR B 219 -11.81 33.37 -0.56
CA THR B 219 -11.83 33.10 0.87
C THR B 219 -12.37 34.34 1.58
N PHE B 220 -12.52 34.25 2.90
CA PHE B 220 -13.01 35.40 3.65
C PHE B 220 -12.15 35.72 4.87
N SER B 221 -12.21 36.98 5.28
CA SER B 221 -11.43 37.47 6.41
C SER B 221 -11.61 36.65 7.69
N ASP B 222 -12.84 36.39 8.09
CA ASP B 222 -13.06 35.62 9.31
C ASP B 222 -12.40 34.25 9.25
N LEU B 223 -12.07 33.78 8.06
CA LEU B 223 -11.42 32.49 7.93
C LEU B 223 -9.89 32.55 7.92
N GLU B 224 -9.30 33.42 7.11
CA GLU B 224 -7.84 33.49 7.02
C GLU B 224 -7.15 34.85 7.12
N GLN B 225 -7.79 35.83 7.76
CA GLN B 225 -7.16 37.15 7.88
C GLN B 225 -5.78 37.10 8.54
N SER B 226 -5.61 36.24 9.54
CA SER B 226 -4.34 36.15 10.23
C SER B 226 -3.26 35.63 9.28
N SER B 227 -3.62 34.73 8.37
CA SER B 227 -2.63 34.23 7.41
C SER B 227 -2.21 35.37 6.50
N ILE B 228 -3.18 36.20 6.11
CA ILE B 228 -2.91 37.34 5.25
C ILE B 228 -1.97 38.32 5.95
N ASP B 229 -2.22 38.55 7.23
CA ASP B 229 -1.38 39.48 8.01
C ASP B 229 0.03 38.94 8.13
N ALA B 230 0.16 37.64 8.40
CA ALA B 230 1.47 37.01 8.53
C ALA B 230 2.28 37.20 7.25
N LEU B 231 1.62 37.01 6.11
CA LEU B 231 2.29 37.17 4.82
C LEU B 231 2.83 38.59 4.61
N TYR B 232 2.02 39.61 4.88
CA TYR B 232 2.49 40.98 4.70
C TYR B 232 3.69 41.21 5.61
N ASP B 233 3.54 40.82 6.87
CA ASP B 233 4.58 41.00 7.87
C ASP B 233 5.87 40.26 7.52
N HIS B 234 5.76 39.21 6.71
CA HIS B 234 6.94 38.43 6.34
C HIS B 234 7.66 38.90 5.07
N ASP B 235 6.92 39.48 4.13
CA ASP B 235 7.55 39.93 2.89
C ASP B 235 6.84 41.14 2.30
N GLU B 236 7.53 42.28 2.29
CA GLU B 236 6.96 43.52 1.77
C GLU B 236 6.74 43.50 0.25
N LYS B 237 7.36 42.56 -0.44
CA LYS B 237 7.21 42.47 -1.90
C LYS B 237 5.88 41.86 -2.35
N ILE B 238 5.13 41.30 -1.40
CA ILE B 238 3.85 40.70 -1.71
C ILE B 238 2.79 41.76 -1.99
N PRO B 239 2.16 41.72 -3.17
CA PRO B 239 1.13 42.71 -3.47
C PRO B 239 -0.09 42.54 -2.58
N PRO B 240 -1.02 43.51 -2.61
CA PRO B 240 -2.23 43.44 -1.78
C PRO B 240 -3.02 42.16 -2.07
N ILE B 241 -3.57 41.58 -1.02
CA ILE B 241 -4.37 40.37 -1.15
C ILE B 241 -5.83 40.74 -0.86
N TYR B 242 -6.73 40.34 -1.76
CA TYR B 242 -8.14 40.65 -1.60
C TYR B 242 -8.96 39.38 -1.38
N ALA B 243 -9.58 39.26 -0.21
CA ALA B 243 -10.43 38.13 0.11
C ALA B 243 -11.85 38.51 -0.30
N VAL B 244 -12.33 37.92 -1.38
CA VAL B 244 -13.66 38.23 -1.91
C VAL B 244 -14.67 37.09 -1.91
N GLY B 245 -14.37 36.03 -1.18
CA GLY B 245 -15.27 34.90 -1.15
C GLY B 245 -16.20 34.89 0.05
N PRO B 246 -16.99 33.82 0.21
CA PRO B 246 -17.04 32.66 -0.68
C PRO B 246 -17.68 32.94 -2.04
N LEU B 247 -17.03 32.48 -3.11
CA LEU B 247 -17.56 32.62 -4.46
C LEU B 247 -18.21 31.27 -4.72
N LEU B 248 -19.53 31.24 -4.81
CA LEU B 248 -20.23 29.97 -5.02
C LEU B 248 -21.33 30.08 -6.06
N ASP B 249 -21.60 28.96 -6.73
CA ASP B 249 -22.68 28.87 -7.70
C ASP B 249 -23.75 28.10 -6.93
N LEU B 250 -24.70 28.82 -6.37
CA LEU B 250 -25.77 28.20 -5.59
C LEU B 250 -26.83 27.49 -6.41
N LYS B 251 -26.65 27.45 -7.72
CA LYS B 251 -27.61 26.78 -8.59
C LYS B 251 -27.02 25.44 -9.04
N GLY B 252 -25.69 25.38 -9.09
CA GLY B 252 -25.01 24.17 -9.50
C GLY B 252 -25.05 23.99 -11.00
N GLN B 253 -24.08 23.26 -11.54
CA GLN B 253 -24.00 23.01 -12.98
C GLN B 253 -25.32 22.41 -13.48
N PRO B 254 -26.15 23.21 -14.17
CA PRO B 254 -27.43 22.75 -14.69
C PRO B 254 -27.29 21.57 -15.66
N ASN B 255 -26.44 21.75 -16.67
CA ASN B 255 -26.19 20.73 -17.68
C ASN B 255 -25.22 19.66 -17.19
N PRO B 256 -25.37 18.41 -17.68
CA PRO B 256 -26.37 17.93 -18.64
C PRO B 256 -27.81 18.09 -18.16
N LYS B 257 -28.55 19.00 -18.81
CA LYS B 257 -29.94 19.25 -18.44
C LYS B 257 -30.93 18.51 -19.34
N LEU B 258 -31.55 17.46 -18.81
CA LEU B 258 -32.52 16.68 -19.55
C LEU B 258 -33.78 16.46 -18.72
N ASP B 259 -34.38 17.57 -18.27
CA ASP B 259 -35.60 17.54 -17.46
C ASP B 259 -35.36 16.97 -16.06
N GLN B 260 -34.11 16.60 -15.79
CA GLN B 260 -33.69 16.07 -14.49
C GLN B 260 -34.33 14.73 -14.09
N ALA B 261 -33.98 13.67 -14.81
CA ALA B 261 -34.51 12.34 -14.50
C ALA B 261 -33.84 11.83 -13.22
N GLN B 262 -32.54 11.53 -13.32
CA GLN B 262 -31.78 11.04 -12.18
C GLN B 262 -31.76 12.11 -11.07
N HIS B 263 -31.67 13.37 -11.48
CA HIS B 263 -31.66 14.49 -10.53
C HIS B 263 -32.79 14.34 -9.52
N ASP B 264 -34.03 14.42 -9.99
CA ASP B 264 -35.20 14.31 -9.13
C ASP B 264 -35.17 13.06 -8.26
N LEU B 265 -34.67 11.96 -8.80
CA LEU B 265 -34.62 10.71 -8.05
C LEU B 265 -33.84 10.94 -6.75
N ILE B 266 -32.72 11.64 -6.88
CA ILE B 266 -31.84 11.93 -5.74
C ILE B 266 -32.53 12.82 -4.70
N LEU B 267 -33.08 13.94 -5.15
CA LEU B 267 -33.75 14.87 -4.24
C LEU B 267 -34.96 14.26 -3.55
N LYS B 268 -35.69 13.41 -4.26
CA LYS B 268 -36.87 12.78 -3.68
C LYS B 268 -36.47 11.83 -2.57
N TRP B 269 -35.40 11.07 -2.81
CA TRP B 269 -34.92 10.13 -1.80
C TRP B 269 -34.57 10.91 -0.54
N LEU B 270 -33.87 12.03 -0.71
CA LEU B 270 -33.48 12.86 0.42
C LEU B 270 -34.70 13.45 1.14
N ASP B 271 -35.72 13.82 0.39
CA ASP B 271 -36.93 14.37 1.01
C ASP B 271 -37.55 13.36 1.98
N GLU B 272 -37.38 12.07 1.68
CA GLU B 272 -37.95 11.01 2.52
C GLU B 272 -37.17 10.70 3.81
N GLN B 273 -35.91 11.13 3.88
CA GLN B 273 -35.11 10.84 5.07
C GLN B 273 -35.28 11.84 6.21
N PRO B 274 -34.99 11.42 7.44
CA PRO B 274 -35.11 12.30 8.60
C PRO B 274 -34.09 13.44 8.45
N ASP B 275 -34.43 14.60 9.00
CA ASP B 275 -33.52 15.75 8.92
C ASP B 275 -32.17 15.43 9.57
N LYS B 276 -31.09 15.86 8.92
CA LYS B 276 -29.73 15.66 9.42
C LYS B 276 -29.28 14.23 9.62
N SER B 277 -29.98 13.29 9.00
CA SER B 277 -29.65 11.88 9.16
C SER B 277 -28.74 11.32 8.08
N VAL B 278 -28.58 12.05 6.99
CA VAL B 278 -27.81 11.55 5.86
C VAL B 278 -26.38 12.04 5.69
N VAL B 279 -25.47 11.10 5.43
CA VAL B 279 -24.10 11.43 5.15
C VAL B 279 -23.93 11.43 3.63
N PHE B 280 -23.48 12.56 3.10
CA PHE B 280 -23.26 12.69 1.68
C PHE B 280 -21.79 12.40 1.42
N LEU B 281 -21.49 11.60 0.39
CA LEU B 281 -20.11 11.30 0.05
C LEU B 281 -19.93 11.68 -1.41
N CYS B 282 -18.97 12.56 -1.67
CA CYS B 282 -18.72 13.02 -3.02
C CYS B 282 -17.25 13.45 -3.09
N PHE B 283 -16.56 12.96 -4.13
CA PHE B 283 -15.13 13.21 -4.28
C PHE B 283 -14.65 14.00 -5.50
N GLY B 284 -15.25 15.16 -5.75
CA GLY B 284 -14.80 15.97 -6.86
C GLY B 284 -15.43 15.73 -8.21
N SER B 285 -14.99 16.50 -9.20
CA SER B 285 -15.52 16.41 -10.56
C SER B 285 -14.57 15.86 -11.61
N MET B 286 -13.42 15.33 -11.20
CA MET B 286 -12.45 14.80 -12.15
C MET B 286 -12.84 13.44 -12.73
N GLY B 287 -13.79 12.76 -12.08
CA GLY B 287 -14.26 11.48 -12.59
C GLY B 287 -13.54 10.18 -12.25
N VAL B 288 -12.30 10.26 -11.77
CA VAL B 288 -11.58 9.03 -11.44
C VAL B 288 -12.07 8.41 -10.13
N SER B 289 -12.62 7.21 -10.24
CA SER B 289 -13.15 6.47 -9.09
C SER B 289 -12.09 5.70 -8.31
N PHE B 290 -12.28 5.57 -7.00
CA PHE B 290 -11.36 4.79 -6.17
C PHE B 290 -11.35 3.42 -6.81
N GLY B 291 -10.34 2.61 -6.51
CA GLY B 291 -10.27 1.27 -7.08
C GLY B 291 -11.31 0.33 -6.48
N PRO B 292 -11.59 -0.81 -7.14
CA PRO B 292 -12.57 -1.81 -6.68
C PRO B 292 -12.48 -2.17 -5.18
N SER B 293 -11.27 -2.54 -4.73
CA SER B 293 -11.07 -2.89 -3.33
C SER B 293 -11.54 -1.78 -2.39
N GLN B 294 -11.09 -0.55 -2.65
CA GLN B 294 -11.46 0.59 -1.83
C GLN B 294 -12.97 0.85 -1.86
N ILE B 295 -13.59 0.68 -3.02
CA ILE B 295 -15.04 0.89 -3.14
C ILE B 295 -15.76 -0.12 -2.23
N ARG B 296 -15.29 -1.36 -2.21
CA ARG B 296 -15.90 -2.40 -1.38
C ARG B 296 -15.78 -2.08 0.11
N GLU B 297 -14.62 -1.53 0.51
CA GLU B 297 -14.39 -1.19 1.90
C GLU B 297 -15.28 0.00 2.34
N ILE B 298 -15.52 0.94 1.43
CA ILE B 298 -16.39 2.08 1.73
C ILE B 298 -17.83 1.56 1.90
N ALA B 299 -18.23 0.65 1.02
CA ALA B 299 -19.57 0.08 1.07
C ALA B 299 -19.83 -0.67 2.39
N LEU B 300 -18.88 -1.52 2.77
CA LEU B 300 -19.03 -2.27 4.01
C LEU B 300 -19.03 -1.30 5.19
N GLY B 301 -18.10 -0.35 5.18
CA GLY B 301 -18.02 0.63 6.24
C GLY B 301 -19.35 1.36 6.43
N LEU B 302 -19.93 1.82 5.31
CA LEU B 302 -21.21 2.53 5.37
C LEU B 302 -22.32 1.64 5.94
N LYS B 303 -22.45 0.43 5.41
CA LYS B 303 -23.50 -0.48 5.86
C LYS B 303 -23.38 -0.81 7.34
N HIS B 304 -22.18 -1.16 7.77
CA HIS B 304 -21.96 -1.52 9.15
C HIS B 304 -22.15 -0.36 10.13
N SER B 305 -21.81 0.85 9.68
CA SER B 305 -21.92 2.04 10.52
C SER B 305 -23.35 2.34 10.93
N GLY B 306 -24.30 1.98 10.09
CA GLY B 306 -25.70 2.21 10.38
C GLY B 306 -26.26 3.54 9.92
N VAL B 307 -25.39 4.44 9.44
CA VAL B 307 -25.84 5.75 8.99
C VAL B 307 -26.55 5.71 7.64
N ARG B 308 -27.42 6.69 7.38
CA ARG B 308 -28.10 6.77 6.11
C ARG B 308 -27.10 7.50 5.20
N PHE B 309 -27.14 7.24 3.90
CA PHE B 309 -26.18 7.88 3.01
C PHE B 309 -26.58 8.02 1.54
N LEU B 310 -25.98 9.02 0.91
CA LEU B 310 -26.14 9.30 -0.51
C LEU B 310 -24.70 9.33 -0.98
N TRP B 311 -24.31 8.30 -1.72
CA TRP B 311 -22.93 8.15 -2.18
C TRP B 311 -22.76 8.35 -3.69
N SER B 312 -22.09 9.45 -4.06
CA SER B 312 -21.83 9.79 -5.45
C SER B 312 -20.52 9.12 -5.86
N ASN B 313 -20.57 8.28 -6.89
CA ASN B 313 -19.36 7.60 -7.35
C ASN B 313 -19.52 7.17 -8.81
N SER B 314 -18.42 6.69 -9.40
CA SER B 314 -18.45 6.23 -10.78
C SER B 314 -17.95 4.79 -10.91
N ALA B 315 -18.13 4.00 -9.86
CA ALA B 315 -17.69 2.60 -9.89
C ALA B 315 -18.69 1.75 -10.69
N GLU B 316 -18.23 0.66 -11.28
CA GLU B 316 -19.15 -0.21 -12.01
C GLU B 316 -19.97 -0.95 -10.96
N LYS B 317 -21.22 -1.28 -11.29
CA LYS B 317 -22.09 -1.96 -10.34
C LYS B 317 -21.57 -3.31 -9.88
N LYS B 318 -20.78 -3.97 -10.73
CA LYS B 318 -20.25 -5.28 -10.42
C LYS B 318 -19.19 -5.29 -9.31
N VAL B 319 -18.62 -4.13 -9.01
CA VAL B 319 -17.58 -4.02 -8.00
C VAL B 319 -18.05 -4.10 -6.55
N PHE B 320 -19.28 -3.65 -6.29
CA PHE B 320 -19.80 -3.62 -4.92
C PHE B 320 -19.91 -5.00 -4.27
N PRO B 321 -19.83 -5.04 -2.92
CA PRO B 321 -19.92 -6.30 -2.18
C PRO B 321 -21.23 -6.99 -2.52
N GLU B 322 -21.22 -8.32 -2.57
CA GLU B 322 -22.44 -9.03 -2.88
C GLU B 322 -23.50 -8.67 -1.84
N GLY B 323 -24.73 -8.47 -2.30
CA GLY B 323 -25.82 -8.10 -1.40
C GLY B 323 -25.96 -6.62 -1.12
N PHE B 324 -24.90 -5.85 -1.39
CA PHE B 324 -24.93 -4.42 -1.12
C PHE B 324 -25.99 -3.64 -1.90
N LEU B 325 -25.98 -3.77 -3.22
CA LEU B 325 -26.94 -3.06 -4.05
C LEU B 325 -28.38 -3.42 -3.68
N GLU B 326 -28.63 -4.71 -3.46
CA GLU B 326 -29.96 -5.18 -3.10
C GLU B 326 -30.40 -4.61 -1.76
N TRP B 327 -29.47 -4.57 -0.81
CA TRP B 327 -29.76 -4.04 0.50
C TRP B 327 -30.21 -2.58 0.42
N MET B 328 -29.50 -1.77 -0.36
CA MET B 328 -29.87 -0.36 -0.51
C MET B 328 -31.28 -0.21 -1.05
N GLU B 329 -31.62 -1.02 -2.03
CA GLU B 329 -32.94 -0.95 -2.62
C GLU B 329 -34.04 -1.44 -1.69
N LEU B 330 -33.73 -2.47 -0.91
CA LEU B 330 -34.73 -3.02 0.02
C LEU B 330 -34.95 -2.21 1.28
N GLU B 331 -33.89 -1.96 2.03
CA GLU B 331 -33.99 -1.22 3.28
C GLU B 331 -34.01 0.30 3.11
N GLY B 332 -33.54 0.78 1.96
CA GLY B 332 -33.55 2.21 1.70
C GLY B 332 -32.77 3.09 2.65
N LYS B 333 -31.80 2.52 3.36
CA LYS B 333 -30.97 3.29 4.28
C LYS B 333 -30.03 4.19 3.48
N GLY B 334 -29.64 3.71 2.29
CA GLY B 334 -28.74 4.51 1.47
C GLY B 334 -28.97 4.33 -0.01
N MET B 335 -28.30 5.15 -0.80
CA MET B 335 -28.41 5.07 -2.25
C MET B 335 -27.15 5.58 -2.92
N ILE B 336 -26.91 5.10 -4.13
CA ILE B 336 -25.74 5.55 -4.86
C ILE B 336 -26.21 6.27 -6.10
N CYS B 337 -25.38 7.20 -6.57
CA CYS B 337 -25.69 7.97 -7.75
C CYS B 337 -24.38 8.32 -8.46
N GLY B 338 -24.50 8.95 -9.62
CA GLY B 338 -23.32 9.36 -10.35
C GLY B 338 -23.12 10.83 -10.03
N TRP B 339 -23.01 11.67 -11.05
CA TRP B 339 -22.85 13.09 -10.83
C TRP B 339 -24.02 13.56 -9.96
N ALA B 340 -23.71 14.34 -8.93
CA ALA B 340 -24.76 14.81 -8.03
C ALA B 340 -24.91 16.32 -8.01
N PRO B 341 -26.13 16.80 -7.73
CA PRO B 341 -26.41 18.23 -7.66
C PRO B 341 -25.90 18.68 -6.29
N GLN B 342 -24.59 18.66 -6.12
CA GLN B 342 -23.96 18.96 -4.84
C GLN B 342 -24.50 20.13 -4.03
N VAL B 343 -24.62 21.31 -4.60
CA VAL B 343 -25.12 22.43 -3.81
C VAL B 343 -26.54 22.20 -3.31
N GLU B 344 -27.38 21.60 -4.14
CA GLU B 344 -28.75 21.33 -3.72
C GLU B 344 -28.77 20.28 -2.62
N VAL B 345 -27.85 19.32 -2.71
CA VAL B 345 -27.75 18.28 -1.70
C VAL B 345 -27.30 18.86 -0.36
N LEU B 346 -26.22 19.63 -0.37
CA LEU B 346 -25.70 20.22 0.87
C LEU B 346 -26.72 21.17 1.48
N ALA B 347 -27.55 21.76 0.65
CA ALA B 347 -28.57 22.69 1.10
C ALA B 347 -29.72 21.92 1.74
N HIS B 348 -29.89 20.66 1.35
CA HIS B 348 -30.97 19.84 1.86
C HIS B 348 -30.90 19.60 3.37
N LYS B 349 -32.04 19.71 4.04
CA LYS B 349 -32.07 19.53 5.48
C LYS B 349 -31.82 18.10 5.95
N ALA B 350 -31.88 17.14 5.02
CA ALA B 350 -31.65 15.74 5.39
C ALA B 350 -30.17 15.45 5.64
N ILE B 351 -29.30 16.28 5.08
CA ILE B 351 -27.85 16.08 5.19
C ILE B 351 -27.30 16.48 6.56
N GLY B 352 -26.57 15.57 7.19
CA GLY B 352 -25.97 15.85 8.48
C GLY B 352 -24.45 15.73 8.46
N GLY B 353 -23.91 15.19 7.37
CA GLY B 353 -22.47 15.04 7.27
C GLY B 353 -22.01 14.93 5.82
N PHE B 354 -20.75 15.26 5.58
CA PHE B 354 -20.20 15.22 4.22
C PHE B 354 -18.79 14.62 4.16
N VAL B 355 -18.65 13.46 3.51
CA VAL B 355 -17.33 12.85 3.34
C VAL B 355 -16.84 13.49 2.02
N SER B 356 -15.85 14.37 2.13
CA SER B 356 -15.35 15.13 0.99
C SER B 356 -13.87 14.95 0.64
N HIS B 357 -13.52 15.12 -0.64
CA HIS B 357 -12.14 15.01 -1.08
C HIS B 357 -11.40 16.29 -0.70
N CYS B 358 -12.16 17.23 -0.13
CA CYS B 358 -11.63 18.51 0.32
C CYS B 358 -11.15 19.50 -0.74
N GLY B 359 -11.78 19.45 -1.91
CA GLY B 359 -11.47 20.42 -2.94
C GLY B 359 -11.98 21.70 -2.31
N TRP B 360 -11.40 22.85 -2.63
CA TRP B 360 -11.82 24.10 -2.00
C TRP B 360 -13.28 24.53 -2.19
N ASN B 361 -13.83 24.38 -3.39
CA ASN B 361 -15.22 24.77 -3.61
C ASN B 361 -16.15 23.90 -2.75
N SER B 362 -15.86 22.61 -2.65
CA SER B 362 -16.68 21.71 -1.84
C SER B 362 -16.61 22.13 -0.38
N ILE B 363 -15.42 22.54 0.06
CA ILE B 363 -15.24 23.00 1.43
C ILE B 363 -16.09 24.25 1.64
N LEU B 364 -15.95 25.23 0.75
CA LEU B 364 -16.72 26.47 0.88
C LEU B 364 -18.21 26.22 0.89
N GLU B 365 -18.67 25.36 -0.01
CA GLU B 365 -20.09 25.05 -0.08
C GLU B 365 -20.58 24.39 1.20
N SER B 366 -19.76 23.50 1.75
CA SER B 366 -20.14 22.81 2.99
C SER B 366 -20.20 23.79 4.17
N MET B 367 -19.26 24.73 4.23
CA MET B 367 -19.23 25.71 5.30
C MET B 367 -20.45 26.65 5.20
N TRP B 368 -20.81 26.98 3.97
CA TRP B 368 -21.92 27.88 3.70
C TRP B 368 -23.25 27.29 4.17
N PHE B 369 -23.41 25.98 4.02
CA PHE B 369 -24.63 25.29 4.42
C PHE B 369 -24.53 24.66 5.80
N GLY B 370 -23.40 24.89 6.47
CA GLY B 370 -23.22 24.36 7.82
C GLY B 370 -23.18 22.84 7.96
N VAL B 371 -22.57 22.16 6.99
CA VAL B 371 -22.47 20.71 7.05
C VAL B 371 -21.05 20.29 7.44
N PRO B 372 -20.90 19.45 8.48
CA PRO B 372 -19.58 19.00 8.93
C PRO B 372 -18.98 18.07 7.90
N ILE B 373 -17.65 18.12 7.78
CA ILE B 373 -16.93 17.29 6.83
C ILE B 373 -16.04 16.22 7.49
N LEU B 374 -15.98 15.04 6.88
CA LEU B 374 -15.07 14.00 7.31
C LEU B 374 -14.12 13.99 6.11
N THR B 375 -12.85 14.35 6.35
CA THR B 375 -11.86 14.49 5.29
C THR B 375 -11.25 13.25 4.62
N TRP B 376 -11.26 13.26 3.28
CA TRP B 376 -10.67 12.19 2.50
C TRP B 376 -10.07 12.84 1.25
N PRO B 377 -8.97 13.61 1.44
CA PRO B 377 -8.29 14.29 0.32
C PRO B 377 -7.68 13.31 -0.66
N ILE B 378 -7.51 13.74 -1.92
CA ILE B 378 -6.94 12.85 -2.92
C ILE B 378 -5.83 13.50 -3.74
N TYR B 379 -6.12 14.63 -4.39
CA TYR B 379 -5.13 15.33 -5.23
C TYR B 379 -5.05 16.85 -5.04
N ALA B 380 -4.26 17.52 -5.88
CA ALA B 380 -4.06 18.97 -5.81
C ALA B 380 -3.62 19.36 -4.40
N GLU B 381 -4.18 20.44 -3.85
CA GLU B 381 -3.82 20.86 -2.50
C GLU B 381 -4.85 20.36 -1.48
N GLN B 382 -5.52 19.27 -1.81
CA GLN B 382 -6.55 18.74 -0.92
C GLN B 382 -6.05 18.25 0.44
N GLN B 383 -4.87 17.68 0.49
CA GLN B 383 -4.34 17.21 1.76
C GLN B 383 -4.10 18.42 2.65
N LEU B 384 -3.58 19.50 2.06
CA LEU B 384 -3.32 20.71 2.82
C LEU B 384 -4.64 21.27 3.33
N ASN B 385 -5.65 21.28 2.46
CA ASN B 385 -6.96 21.78 2.86
C ASN B 385 -7.50 20.93 4.01
N ALA B 386 -7.35 19.62 3.90
CA ALA B 386 -7.82 18.69 4.92
C ALA B 386 -7.13 18.94 6.25
N PHE B 387 -5.81 19.08 6.19
CA PHE B 387 -4.99 19.34 7.36
C PHE B 387 -5.46 20.58 8.12
N ARG B 388 -5.64 21.68 7.40
CA ARG B 388 -6.08 22.92 8.03
C ARG B 388 -7.52 22.87 8.52
N LEU B 389 -8.39 22.14 7.83
CA LEU B 389 -9.78 22.03 8.24
C LEU B 389 -9.88 21.38 9.61
N VAL B 390 -9.06 20.35 9.80
CA VAL B 390 -9.04 19.59 11.05
C VAL B 390 -8.17 20.20 12.15
N LYS B 391 -6.94 20.55 11.81
CA LYS B 391 -6.02 21.07 12.82
C LYS B 391 -6.01 22.59 13.01
N GLU B 392 -6.52 23.33 12.04
CA GLU B 392 -6.53 24.78 12.16
C GLU B 392 -7.90 25.38 12.46
N TRP B 393 -8.91 25.01 11.67
CA TRP B 393 -10.25 25.55 11.85
C TRP B 393 -11.18 24.69 12.70
N GLY B 394 -10.91 23.39 12.78
CA GLY B 394 -11.73 22.52 13.59
C GLY B 394 -13.17 22.37 13.15
N VAL B 395 -13.43 22.52 11.85
CA VAL B 395 -14.78 22.38 11.35
C VAL B 395 -14.95 21.01 10.70
N GLY B 396 -13.87 20.25 10.66
CA GLY B 396 -13.94 18.93 10.06
C GLY B 396 -13.26 17.86 10.90
N LEU B 397 -13.59 16.61 10.62
CA LEU B 397 -12.99 15.48 11.33
C LEU B 397 -12.11 14.79 10.31
N GLY B 398 -10.97 14.29 10.76
CA GLY B 398 -10.09 13.62 9.83
C GLY B 398 -10.23 12.12 9.74
N LEU B 399 -10.41 11.61 8.51
CA LEU B 399 -10.47 10.18 8.29
C LEU B 399 -9.01 9.99 7.91
N ARG B 400 -8.60 10.79 6.93
CA ARG B 400 -7.22 10.85 6.47
C ARG B 400 -6.94 12.29 6.09
N VAL B 401 -5.73 12.74 6.33
CA VAL B 401 -5.35 14.09 5.99
C VAL B 401 -4.20 13.99 4.98
N ASP B 402 -3.57 12.82 4.95
CA ASP B 402 -2.45 12.59 4.06
C ASP B 402 -2.72 11.58 2.96
N TYR B 403 -3.98 11.28 2.70
CA TYR B 403 -4.31 10.32 1.65
C TYR B 403 -4.00 10.93 0.29
N ARG B 404 -3.50 10.11 -0.63
CA ARG B 404 -3.18 10.55 -1.98
C ARG B 404 -3.08 9.33 -2.87
N LYS B 405 -3.05 9.53 -4.18
CA LYS B 405 -2.94 8.41 -5.11
C LYS B 405 -1.66 7.65 -4.73
N GLY B 406 -1.79 6.34 -4.53
CA GLY B 406 -0.64 5.56 -4.14
C GLY B 406 -0.80 5.04 -2.71
N SER B 407 -1.68 5.68 -1.94
CA SER B 407 -1.92 5.25 -0.56
C SER B 407 -2.62 3.90 -0.60
N ASP B 408 -2.45 3.09 0.45
CA ASP B 408 -3.10 1.78 0.48
C ASP B 408 -4.58 1.98 0.84
N VAL B 409 -5.37 0.93 0.67
CA VAL B 409 -6.79 1.00 0.97
C VAL B 409 -7.10 1.36 2.43
N VAL B 410 -8.11 2.20 2.61
CA VAL B 410 -8.57 2.60 3.94
C VAL B 410 -9.66 1.56 4.24
N ALA B 411 -9.46 0.76 5.29
CA ALA B 411 -10.38 -0.30 5.66
C ALA B 411 -11.75 0.11 6.18
N ALA B 412 -12.73 -0.78 6.00
CA ALA B 412 -14.10 -0.53 6.45
C ALA B 412 -14.18 -0.14 7.92
N GLU B 413 -13.38 -0.82 8.74
CA GLU B 413 -13.38 -0.54 10.17
C GLU B 413 -13.03 0.92 10.46
N GLU B 414 -12.01 1.43 9.79
CA GLU B 414 -11.60 2.82 10.00
C GLU B 414 -12.67 3.79 9.49
N ILE B 415 -13.26 3.47 8.35
CA ILE B 415 -14.32 4.30 7.76
C ILE B 415 -15.54 4.35 8.67
N GLU B 416 -15.94 3.19 9.18
CA GLU B 416 -17.10 3.11 10.08
C GLU B 416 -16.87 4.01 11.30
N LYS B 417 -15.69 3.93 11.89
CA LYS B 417 -15.37 4.75 13.06
C LYS B 417 -15.50 6.24 12.69
N GLY B 418 -15.00 6.60 11.51
CA GLY B 418 -15.07 7.97 11.07
C GLY B 418 -16.50 8.44 10.86
N LEU B 419 -17.32 7.59 10.26
CA LEU B 419 -18.73 7.92 10.00
C LEU B 419 -19.52 8.14 11.30
N LYS B 420 -19.30 7.29 12.28
CA LYS B 420 -20.00 7.44 13.55
C LYS B 420 -19.59 8.71 14.31
N ASP B 421 -18.31 9.05 14.27
CA ASP B 421 -17.85 10.27 14.96
C ASP B 421 -18.42 11.49 14.23
N LEU B 422 -18.43 11.43 12.90
CA LEU B 422 -18.97 12.53 12.10
C LEU B 422 -20.44 12.80 12.41
N MET B 423 -21.21 11.74 12.57
CA MET B 423 -22.62 11.86 12.86
C MET B 423 -22.96 11.94 14.34
N ASP B 424 -21.94 12.00 15.19
CA ASP B 424 -22.14 12.11 16.64
C ASP B 424 -22.53 13.57 16.92
N LYS B 425 -23.77 13.76 17.36
CA LYS B 425 -24.29 15.09 17.66
C LYS B 425 -23.50 15.83 18.74
N ASP B 426 -22.76 15.08 19.56
CA ASP B 426 -21.97 15.71 20.60
C ASP B 426 -20.53 15.94 20.16
N SER B 427 -20.28 15.74 18.88
CA SER B 427 -18.95 15.96 18.32
C SER B 427 -18.61 17.44 18.54
N ILE B 428 -17.32 17.76 18.60
CA ILE B 428 -16.93 19.14 18.81
C ILE B 428 -17.02 19.97 17.52
N VAL B 429 -17.05 19.29 16.37
CA VAL B 429 -17.12 19.98 15.10
C VAL B 429 -18.43 20.70 14.84
N HIS B 430 -19.54 20.14 15.33
CA HIS B 430 -20.85 20.75 15.09
C HIS B 430 -20.99 22.20 15.54
N LYS B 431 -20.38 22.55 16.67
CA LYS B 431 -20.47 23.91 17.19
C LYS B 431 -19.68 24.90 16.33
N LYS B 432 -18.48 24.51 15.94
CA LYS B 432 -17.64 25.36 15.12
C LYS B 432 -18.30 25.52 13.74
N VAL B 433 -18.91 24.45 13.26
CA VAL B 433 -19.59 24.45 11.96
C VAL B 433 -20.68 25.52 11.87
N GLN B 434 -21.55 25.59 12.87
CA GLN B 434 -22.62 26.59 12.84
C GLN B 434 -22.04 28.01 12.81
N GLU B 435 -20.96 28.23 13.55
CA GLU B 435 -20.31 29.53 13.59
C GLU B 435 -19.67 29.89 12.24
N MET B 436 -19.05 28.88 11.62
CA MET B 436 -18.40 29.08 10.33
C MET B 436 -19.47 29.41 9.29
N LYS B 437 -20.67 28.86 9.48
CA LYS B 437 -21.77 29.11 8.57
C LYS B 437 -22.12 30.59 8.66
N GLU B 438 -22.29 31.10 9.87
CA GLU B 438 -22.63 32.51 10.06
C GLU B 438 -21.57 33.44 9.48
N MET B 439 -20.30 33.15 9.77
CA MET B 439 -19.23 33.97 9.26
C MET B 439 -19.17 33.96 7.73
N SER B 440 -19.49 32.80 7.15
CA SER B 440 -19.50 32.64 5.68
C SER B 440 -20.53 33.57 5.08
N ARG B 441 -21.74 33.51 5.62
CA ARG B 441 -22.85 34.33 5.14
C ARG B 441 -22.60 35.82 5.35
N ASN B 442 -22.02 36.19 6.49
CA ASN B 442 -21.77 37.58 6.82
C ASN B 442 -20.69 38.25 5.98
N ALA B 443 -19.82 37.44 5.41
CA ALA B 443 -18.73 37.97 4.60
C ALA B 443 -19.23 38.64 3.32
N VAL B 444 -20.34 38.14 2.78
CA VAL B 444 -20.86 38.64 1.50
C VAL B 444 -22.11 39.53 1.49
N VAL B 445 -22.49 40.07 2.64
CA VAL B 445 -23.64 40.96 2.72
C VAL B 445 -23.04 42.37 2.76
N ASP B 446 -23.85 43.40 2.53
CA ASP B 446 -23.33 44.76 2.57
C ASP B 446 -22.61 45.03 3.89
N GLY B 447 -21.45 45.67 3.82
CA GLY B 447 -20.71 45.95 5.04
C GLY B 447 -19.85 44.78 5.45
N GLY B 448 -20.09 43.62 4.84
CA GLY B 448 -19.29 42.43 5.12
C GLY B 448 -17.89 42.58 4.54
N SER B 449 -16.93 41.86 5.12
CA SER B 449 -15.53 41.93 4.70
C SER B 449 -15.24 41.74 3.22
N SER B 450 -15.91 40.80 2.58
CA SER B 450 -15.66 40.56 1.16
C SER B 450 -16.21 41.64 0.23
N LEU B 451 -17.34 42.25 0.60
CA LEU B 451 -17.87 43.31 -0.24
C LEU B 451 -17.04 44.58 -0.08
N ILE B 452 -16.45 44.77 1.11
CA ILE B 452 -15.61 45.94 1.32
C ILE B 452 -14.35 45.74 0.47
N SER B 453 -13.83 44.51 0.50
CA SER B 453 -12.65 44.15 -0.25
C SER B 453 -12.90 44.33 -1.75
N VAL B 454 -14.09 43.95 -2.20
CA VAL B 454 -14.47 44.08 -3.61
C VAL B 454 -14.42 45.54 -4.05
N GLY B 455 -14.95 46.41 -3.21
CA GLY B 455 -14.96 47.83 -3.52
C GLY B 455 -13.55 48.36 -3.66
N LYS B 456 -12.68 47.99 -2.71
CA LYS B 456 -11.29 48.43 -2.73
C LYS B 456 -10.58 47.91 -3.97
N LEU B 457 -10.87 46.68 -4.36
CA LEU B 457 -10.25 46.07 -5.55
C LEU B 457 -10.68 46.80 -6.81
N ILE B 458 -11.98 47.04 -6.95
CA ILE B 458 -12.49 47.73 -8.13
C ILE B 458 -11.87 49.13 -8.20
N ASP B 459 -11.74 49.78 -7.05
CA ASP B 459 -11.14 51.11 -7.00
C ASP B 459 -9.68 51.03 -7.46
N ASP B 460 -8.98 50.00 -7.02
CA ASP B 460 -7.58 49.81 -7.41
C ASP B 460 -7.49 49.52 -8.91
N ILE B 461 -8.43 48.72 -9.42
CA ILE B 461 -8.43 48.35 -10.84
C ILE B 461 -8.73 49.51 -11.79
N THR B 462 -9.78 50.26 -11.49
CA THR B 462 -10.19 51.37 -12.33
C THR B 462 -9.64 52.72 -11.89
N GLY B 463 -8.93 52.75 -10.77
CA GLY B 463 -8.37 53.98 -10.25
C GLY B 463 -7.19 54.51 -11.04
N1 UDP C . 2.11 -26.58 8.19
C2 UDP C . 1.02 -27.41 8.48
N3 UDP C . -0.25 -26.85 8.63
C4 UDP C . -0.43 -25.47 8.48
C5 UDP C . 0.64 -24.64 8.19
C6 UDP C . 1.90 -25.19 8.04
O2 UDP C . 1.18 -28.63 8.60
O4 UDP C . -1.57 -25.00 8.63
C1' UDP C . 3.48 -27.14 8.07
C2' UDP C . 3.94 -27.16 6.62
O2' UDP C . 3.51 -28.39 6.03
C3' UDP C . 5.46 -27.18 6.81
C4' UDP C . 5.62 -26.22 7.97
O4' UDP C . 4.42 -26.28 8.76
O3' UDP C . 5.92 -28.48 7.17
C5' UDP C . 5.80 -24.77 7.47
O5' UDP C . 7.16 -24.56 7.09
PA UDP C . 7.58 -23.49 5.97
O1A UDP C . 9.05 -23.40 5.93
O2A UDP C . 6.88 -23.84 4.71
O3A UDP C . 6.94 -22.10 6.48
PB UDP C . 7.23 -21.44 7.91
O1B UDP C . 8.46 -21.93 8.57
O2B UDP C . 5.89 -21.70 8.79
O3B UDP C . 7.26 -19.85 7.67
N1 UDP D . -19.69 18.95 -7.93
C2 UDP D . -21.02 18.64 -8.27
N3 UDP D . -21.39 17.29 -8.37
C4 UDP D . -20.46 16.27 -8.15
C5 UDP D . -19.15 16.59 -7.82
C6 UDP D . -18.76 17.93 -7.71
O2 UDP D . -21.84 19.52 -8.46
O4 UDP D . -20.80 15.10 -8.25
C1' UDP D . -19.24 20.36 -7.87
C2' UDP D . -18.93 20.80 -6.45
O2' UDP D . -20.13 21.26 -5.83
C3' UDP D . -18.00 21.99 -6.73
C4' UDP D . -17.18 21.45 -7.91
O4' UDP D . -18.00 20.50 -8.60
O3' UDP D . -18.75 23.13 -7.12
C5' UDP D . -15.93 20.73 -7.39
O5' UDP D . -14.94 21.69 -7.00
PA UDP D . -13.83 21.33 -5.90
O1A UDP D . -12.80 22.38 -5.91
O2A UDP D . -14.51 21.03 -4.62
O3A UDP D . -13.18 19.94 -6.40
PB UDP D . -12.47 19.74 -7.84
O1B UDP D . -12.03 21.01 -8.46
O2B UDP D . -13.53 18.92 -8.73
O3B UDP D . -11.25 18.73 -7.57
#